data_8WMI
#
_entry.id   8WMI
#
_cell.length_a   1.00
_cell.length_b   1.00
_cell.length_c   1.00
_cell.angle_alpha   90.00
_cell.angle_beta   90.00
_cell.angle_gamma   90.00
#
_symmetry.space_group_name_H-M   'P 1'
#
loop_
_entity.id
_entity.type
_entity.pdbx_description
1 polymer 'crRNA (39-MER)'
2 polymer 'CRISPR-associated RAMP family protein'
3 non-polymer 'ZINC ION'
#
loop_
_entity_poly.entity_id
_entity_poly.type
_entity_poly.pdbx_seq_one_letter_code
_entity_poly.pdbx_strand_id
1 'polyribonucleotide' UUGAUGUCACGGAACCUUUGUUGUCUUCGACAUGGGUAA R
2 'polypeptide(L)'
;MTTTMKISIEFLEPFRMTKWQESTRRNKNNKEFVRGQAFARWHRNKKDNTKGRPYITGTLLRSAVIRSAENLLTLSDGKI
SEKTCCPGKFDTEDKDRLLQLRQRSTLRWTDKNPCPDNAETYCPFCELLGRSGNDGKKAEKKDWRFRIHFGNLSLPGKPD
FDGPKAIGSQRVLNRVDFKSGKAHDFFKAYEVDHTRFPRFEGEITIDNKVSAEARKLLCDSLKFTDRLCGALCVIRFDEY
TPAADSGKQTENVQAEPNANLAEKTAEQIISILDDNKKTEYTRLLADAIRSLRRSSKLVAGLPKDHDGKDDHYLWDIGKK
KKDENSVTIRQILTTSADTKELKNAGKWREFCEKLGEALYLKSKDMSGGLKITRRILGDAEFHGKPDRLEKSRSVSIGSV
LKETVVCGELVAKTPFFFGAIDEDAKQTALQVLLTPDNKYRLPRSAVRGILRRDLQTYFDSPCNAELGGRPCMCKTCRIM
RGITVMDARSEYNAPPEIRHRTRINPFTGTVAEGALFNMEVAPEGIVFPFQLRYRGSEDGLPDALKTVLKWWAEGQAFMS
GAASTGKGRFRMENAKYETLDLSDENQRNDYLKNWGWRDEKGLEELKKRLNSGLPEPGNYRDPKWHEINVSIEMASPFIN
GDPIRAAVDKRGTAVVTFVKYKAEGEEAKPVCAYKAESFRGVIRSAVARIHMEDGVPLTELTHSDCECLLCQIFGSEYEA
GKIRFEDLVFESDPEPVTFDHVAIDRFTGGAADKKKFDDSPLPGSPARPLMLKGSFWIRRDVLEDEEYCKALGKALADVN
NGLYPLGGKSAIGYGQVKSLGIKGDDKRISRLMNPAFDETDVAVPEKPKTDAEVRIEAEKVYYPHYFVEPHKKVEREEKP
CGHQKFHEGRLTGKIRCKLITKTPLIVPDTSNDDFFRPADKEARKEKDEYHKSYAFFRLHKQIMIPGSELRGMVSSVYET
VTNSCFRIFDETKRLSWRMDADHQNVLQDFLPGRVTADGKHIQKFSETARVPFYDKTQKHFDILDEQEIAGEKPVRMWVK
RFIKRLSLVDPAKHPQKKQDNKWKRRKEGIATFIEQKNGSYYFNVVTNNGCTSFHLWHKPDNFDQEKLEGIQNGEKLDCW
VRDSRYQKAFQEIPENDPDGWECKEGYLHVVGPSKVEFSDKKGDVINNFQGTLPSVPNDWKTIRTNDFKNRKRKNEPVFC
CEDDKGNYYTMAKYCETFFFDLKENEEYEIPEKARIKYKELLRVYNNNPQAVPESVFQSRVARENVEKLKSGDLVYFKHN
EKYVEDIVPVRISRTVDDRMIGKRMSADLRPCHGDWVEDGDLSALNAYPEKRLLLRHPKGLCPACRLFGTGSYKGRVRFG
FASLENDPEWLIPGKNPGDPFHGGPVMLSLLERPRPTWSIPGSDNKFKVPGRKFYVHHHAWKTIKDGNHPTTGKAIEQSP
NNRTVEALAGGNSFSFEIAFENLKEWELGLLIHSLQLEKGLAHKLGMAKSMGFGSVEIDVESVRLRKDWKQWRNGNSEIP
NWLGKGFAKLKEWFRDELDFIENLKKLLWFPEGDQAPRVCYPMLRKKDDPNGNSGYEELKDGEFKKEDRQKKLTTPWTPW
A
;
A
#
loop_
_chem_comp.id
_chem_comp.type
_chem_comp.name
_chem_comp.formula
A RNA linking ADENOSINE-5'-MONOPHOSPHATE 'C10 H14 N5 O7 P'
C RNA linking CYTIDINE-5'-MONOPHOSPHATE 'C9 H14 N3 O8 P'
G RNA linking GUANOSINE-5'-MONOPHOSPHATE 'C10 H14 N5 O8 P'
U RNA linking URIDINE-5'-MONOPHOSPHATE 'C9 H13 N2 O9 P'
ZN non-polymer 'ZINC ION' 'Zn 2'
#
# COMPACT_ATOMS: atom_id res chain seq x y z
N MET B 1 0.40 -52.53 -43.71
CA MET B 1 -0.22 -52.79 -42.38
C MET B 1 -0.12 -51.56 -41.48
N THR B 2 -0.75 -51.64 -40.31
CA THR B 2 -0.79 -50.53 -39.37
C THR B 2 0.52 -50.49 -38.59
N THR B 3 1.42 -49.59 -38.98
CA THR B 3 2.65 -49.35 -38.23
C THR B 3 2.29 -48.49 -37.03
N THR B 4 1.72 -49.14 -36.02
CA THR B 4 1.15 -48.41 -34.89
C THR B 4 2.26 -47.80 -34.04
N MET B 5 2.62 -46.57 -34.36
CA MET B 5 3.60 -45.81 -33.59
C MET B 5 2.84 -44.99 -32.56
N LYS B 6 2.87 -45.44 -31.31
CA LYS B 6 2.23 -44.71 -30.22
C LYS B 6 3.15 -43.55 -29.85
N ILE B 7 3.09 -42.50 -30.68
CA ILE B 7 4.09 -41.43 -30.61
C ILE B 7 3.72 -40.57 -29.42
N SER B 8 4.33 -40.85 -28.27
CA SER B 8 4.09 -40.10 -27.05
C SER B 8 4.70 -38.72 -27.23
N ILE B 9 3.84 -37.70 -27.39
CA ILE B 9 4.32 -36.34 -27.57
C ILE B 9 4.59 -35.77 -26.19
N GLU B 10 5.79 -36.04 -25.67
CA GLU B 10 6.13 -35.58 -24.34
C GLU B 10 6.36 -34.08 -24.39
N PHE B 11 5.29 -33.30 -24.23
CA PHE B 11 5.40 -31.85 -24.31
C PHE B 11 6.30 -31.33 -23.21
N LEU B 12 7.17 -30.39 -23.57
CA LEU B 12 7.89 -29.58 -22.59
C LEU B 12 7.20 -28.26 -22.31
N GLU B 13 6.07 -27.98 -22.96
CA GLU B 13 5.27 -26.79 -22.76
C GLU B 13 3.80 -27.17 -22.72
N PRO B 14 2.94 -26.39 -22.07
CA PRO B 14 1.50 -26.68 -22.16
C PRO B 14 0.96 -26.52 -23.57
N PHE B 15 0.55 -27.64 -24.18
CA PHE B 15 -0.03 -27.59 -25.51
C PHE B 15 -1.40 -26.92 -25.47
N ARG B 16 -1.87 -26.51 -26.64
CA ARG B 16 -3.05 -25.67 -26.77
C ARG B 16 -4.24 -26.46 -27.29
N MET B 17 -5.43 -25.88 -27.14
CA MET B 17 -6.69 -26.53 -27.48
C MET B 17 -7.71 -25.47 -27.87
N THR B 18 -8.74 -25.93 -28.59
CA THR B 18 -9.80 -25.06 -29.09
C THR B 18 -11.12 -25.40 -28.42
N LYS B 19 -11.97 -24.39 -28.27
CA LYS B 19 -13.32 -24.62 -27.78
C LYS B 19 -14.15 -25.37 -28.82
N TRP B 20 -15.05 -26.22 -28.34
CA TRP B 20 -15.88 -27.02 -29.23
C TRP B 20 -16.90 -26.15 -29.95
N GLN B 21 -17.20 -26.52 -31.19
CA GLN B 21 -18.19 -25.84 -32.02
C GLN B 21 -19.12 -26.87 -32.65
N GLU B 22 -20.38 -26.49 -32.77
CA GLU B 22 -21.38 -27.39 -33.35
C GLU B 22 -21.14 -27.57 -34.84
N SER B 23 -21.74 -28.63 -35.39
CA SER B 23 -21.53 -28.97 -36.79
C SER B 23 -22.23 -28.02 -37.75
N THR B 24 -23.21 -27.25 -37.26
CA THR B 24 -23.94 -26.33 -38.14
C THR B 24 -23.01 -25.26 -38.70
N ARG B 25 -22.13 -24.73 -37.86
CA ARG B 25 -21.19 -23.68 -38.26
C ARG B 25 -19.81 -24.22 -38.59
N ARG B 26 -19.65 -25.54 -38.70
CA ARG B 26 -18.36 -26.13 -39.08
C ARG B 26 -18.16 -25.91 -40.58
N ASN B 27 -17.64 -24.73 -40.92
CA ASN B 27 -17.41 -24.36 -42.30
C ASN B 27 -16.28 -23.34 -42.37
N LYS B 28 -15.88 -23.00 -43.59
CA LYS B 28 -14.79 -22.05 -43.79
C LYS B 28 -15.16 -20.63 -43.38
N ASN B 29 -16.45 -20.32 -43.25
CA ASN B 29 -16.86 -18.96 -42.93
C ASN B 29 -16.61 -18.60 -41.47
N ASN B 30 -16.54 -19.59 -40.57
CA ASN B 30 -16.41 -19.30 -39.15
C ASN B 30 -15.00 -18.85 -38.83
N LYS B 31 -14.88 -17.61 -38.31
CA LYS B 31 -13.57 -17.04 -38.02
C LYS B 31 -12.83 -17.85 -36.97
N GLU B 32 -13.52 -18.25 -35.90
CA GLU B 32 -12.86 -19.01 -34.84
C GLU B 32 -12.42 -20.37 -35.34
N PHE B 33 -13.25 -21.04 -36.16
CA PHE B 33 -12.87 -22.34 -36.69
C PHE B 33 -11.65 -22.24 -37.60
N VAL B 34 -11.65 -21.26 -38.51
CA VAL B 34 -10.51 -21.15 -39.42
C VAL B 34 -9.26 -20.72 -38.67
N ARG B 35 -9.41 -19.97 -37.57
CA ARG B 35 -8.25 -19.60 -36.77
C ARG B 35 -7.69 -20.80 -36.03
N GLY B 36 -8.55 -21.64 -35.46
CA GLY B 36 -8.11 -22.76 -34.64
C GLY B 36 -7.86 -24.03 -35.41
N GLN B 37 -7.14 -23.94 -36.53
CA GLN B 37 -6.82 -25.10 -37.35
C GLN B 37 -5.46 -25.71 -37.02
N ALA B 38 -4.75 -25.19 -36.02
CA ALA B 38 -3.42 -25.66 -35.65
C ALA B 38 -3.29 -26.11 -34.20
N PHE B 39 -4.39 -26.11 -33.43
CA PHE B 39 -4.39 -26.50 -32.03
C PHE B 39 -5.20 -27.80 -31.88
N ALA B 40 -5.29 -28.27 -30.64
CA ALA B 40 -6.09 -29.45 -30.33
C ALA B 40 -7.57 -29.08 -30.27
N ARG B 41 -8.41 -30.12 -30.30
CA ARG B 41 -9.86 -29.95 -30.27
C ARG B 41 -10.45 -30.92 -29.26
N TRP B 42 -11.54 -30.47 -28.62
CA TRP B 42 -12.19 -31.22 -27.54
C TRP B 42 -13.36 -32.01 -28.13
N HIS B 43 -13.23 -33.33 -28.14
CA HIS B 43 -14.29 -34.20 -28.64
C HIS B 43 -15.29 -34.50 -27.53
N ARG B 44 -16.57 -34.39 -27.85
CA ARG B 44 -17.67 -34.64 -26.91
C ARG B 44 -18.43 -35.88 -27.36
N ASN B 45 -18.55 -36.86 -26.47
CA ASN B 45 -19.32 -38.06 -26.79
C ASN B 45 -20.81 -37.77 -26.76
N LYS B 46 -21.27 -36.99 -25.78
CA LYS B 46 -22.67 -36.64 -25.61
C LYS B 46 -22.78 -35.15 -25.35
N LYS B 47 -23.74 -34.51 -26.02
CA LYS B 47 -23.86 -33.06 -26.03
C LYS B 47 -24.65 -32.50 -24.85
N ASP B 48 -25.33 -33.35 -24.07
CA ASP B 48 -26.13 -32.84 -22.96
C ASP B 48 -25.25 -32.17 -21.90
N ASN B 49 -24.09 -32.76 -21.61
CA ASN B 49 -23.10 -32.20 -20.69
C ASN B 49 -21.75 -32.15 -21.40
N THR B 50 -20.77 -31.55 -20.72
CA THR B 50 -19.45 -31.30 -21.29
C THR B 50 -18.49 -32.48 -21.12
N LYS B 51 -19.01 -33.68 -20.87
CA LYS B 51 -18.15 -34.85 -20.75
C LYS B 51 -17.57 -35.22 -22.11
N GLY B 52 -16.30 -35.62 -22.12
CA GLY B 52 -15.65 -35.99 -23.35
C GLY B 52 -14.15 -36.19 -23.15
N ARG B 53 -13.44 -36.25 -24.27
CA ARG B 53 -12.00 -36.41 -24.31
C ARG B 53 -11.42 -35.44 -25.33
N PRO B 54 -10.16 -35.02 -25.17
CA PRO B 54 -9.51 -34.29 -26.27
C PRO B 54 -9.02 -35.23 -27.37
N TYR B 55 -9.26 -34.81 -28.61
CA TYR B 55 -8.83 -35.53 -29.79
C TYR B 55 -7.87 -34.67 -30.61
N ILE B 56 -7.10 -35.34 -31.47
CA ILE B 56 -6.15 -34.69 -32.36
C ILE B 56 -6.35 -35.22 -33.77
N THR B 57 -6.35 -34.32 -34.74
CA THR B 57 -6.52 -34.71 -36.14
C THR B 57 -5.18 -35.10 -36.75
N GLY B 58 -5.21 -36.11 -37.62
CA GLY B 58 -4.00 -36.55 -38.30
C GLY B 58 -3.54 -35.64 -39.42
N THR B 59 -4.42 -34.77 -39.91
CA THR B 59 -4.02 -33.84 -40.97
C THR B 59 -2.95 -32.86 -40.49
N LEU B 60 -3.04 -32.44 -39.23
CA LEU B 60 -2.00 -31.56 -38.69
C LEU B 60 -0.65 -32.26 -38.66
N LEU B 61 -0.63 -33.54 -38.25
CA LEU B 61 0.60 -34.31 -38.28
C LEU B 61 1.11 -34.47 -39.71
N ARG B 62 0.20 -34.68 -40.66
CA ARG B 62 0.59 -34.81 -42.05
C ARG B 62 1.26 -33.52 -42.54
N SER B 63 0.67 -32.37 -42.21
CA SER B 63 1.26 -31.10 -42.61
C SER B 63 2.62 -30.90 -41.97
N ALA B 64 2.76 -31.23 -40.69
CA ALA B 64 4.02 -31.03 -39.99
C ALA B 64 5.12 -31.90 -40.58
N VAL B 65 4.82 -33.18 -40.82
CA VAL B 65 5.84 -34.07 -41.37
C VAL B 65 6.16 -33.69 -42.81
N ILE B 66 5.18 -33.18 -43.57
CA ILE B 66 5.48 -32.73 -44.92
C ILE B 66 6.42 -31.52 -44.90
N ARG B 67 6.18 -30.58 -43.98
CA ARG B 67 7.08 -29.44 -43.87
C ARG B 67 8.48 -29.88 -43.44
N SER B 68 8.56 -30.83 -42.52
CA SER B 68 9.87 -31.35 -42.11
C SER B 68 10.57 -32.03 -43.27
N ALA B 69 9.83 -32.77 -44.10
CA ALA B 69 10.43 -33.40 -45.27
C ALA B 69 10.92 -32.36 -46.25
N GLU B 70 10.15 -31.29 -46.46
CA GLU B 70 10.61 -30.18 -47.29
C GLU B 70 11.96 -29.65 -46.81
N ASN B 71 12.04 -29.32 -45.51
CA ASN B 71 13.28 -28.75 -44.98
C ASN B 71 14.43 -29.74 -45.07
N LEU B 72 14.18 -31.01 -44.78
CA LEU B 72 15.25 -32.01 -44.78
C LEU B 72 15.78 -32.26 -46.19
N LEU B 73 14.88 -32.39 -47.17
CA LEU B 73 15.35 -32.55 -48.54
C LEU B 73 16.06 -31.30 -49.04
N THR B 74 15.64 -30.12 -48.60
CA THR B 74 16.37 -28.91 -48.96
C THR B 74 17.77 -28.92 -48.38
N LEU B 75 17.92 -29.38 -47.14
CA LEU B 75 19.20 -29.26 -46.44
C LEU B 75 20.18 -30.35 -46.85
N SER B 76 19.77 -31.62 -46.78
CA SER B 76 20.70 -32.74 -46.77
C SER B 76 21.56 -32.85 -48.02
N ASP B 77 20.93 -33.10 -49.17
CA ASP B 77 21.64 -33.29 -50.43
C ASP B 77 20.98 -32.67 -51.65
N GLY B 78 19.70 -32.29 -51.57
CA GLY B 78 18.94 -31.86 -52.71
C GLY B 78 18.24 -33.00 -53.42
N LYS B 79 18.94 -34.12 -53.61
CA LYS B 79 18.38 -35.31 -54.23
C LYS B 79 19.06 -36.54 -53.63
N ILE B 80 18.28 -37.59 -53.41
CA ILE B 80 18.83 -38.85 -52.92
C ILE B 80 19.46 -39.60 -54.09
N SER B 81 20.46 -40.43 -53.79
CA SER B 81 21.14 -41.18 -54.83
C SER B 81 20.19 -42.16 -55.52
N GLU B 82 19.34 -42.84 -54.74
CA GLU B 82 18.47 -43.84 -55.32
C GLU B 82 17.38 -43.21 -56.18
N LYS B 83 16.79 -42.11 -55.71
CA LYS B 83 15.71 -41.44 -56.43
C LYS B 83 15.85 -39.93 -56.26
N THR B 84 15.37 -39.20 -57.27
CA THR B 84 15.45 -37.75 -57.32
C THR B 84 14.09 -37.15 -56.98
N CYS B 85 14.10 -36.12 -56.14
CA CYS B 85 12.88 -35.47 -55.67
C CYS B 85 12.63 -34.19 -56.45
N CYS B 86 11.41 -33.68 -56.34
CA CYS B 86 10.95 -32.47 -56.97
C CYS B 86 10.54 -31.44 -55.92
N PRO B 87 10.33 -30.17 -56.31
CA PRO B 87 9.84 -29.18 -55.33
C PRO B 87 8.50 -29.56 -54.72
N GLY B 88 7.64 -30.22 -55.47
CA GLY B 88 6.34 -30.67 -54.99
C GLY B 88 5.19 -30.19 -55.86
N LYS B 89 4.41 -31.14 -56.37
CA LYS B 89 3.28 -30.81 -57.24
C LYS B 89 2.13 -30.30 -56.38
N PHE B 90 1.89 -28.99 -56.45
CA PHE B 90 0.83 -28.33 -55.69
C PHE B 90 -0.15 -27.71 -56.66
N ASP B 91 -1.41 -28.10 -56.57
CA ASP B 91 -2.46 -27.54 -57.41
C ASP B 91 -3.81 -27.75 -56.73
N THR B 92 -4.77 -26.91 -57.08
CA THR B 92 -6.11 -26.94 -56.51
C THR B 92 -7.14 -27.05 -57.61
N GLU B 93 -8.13 -27.92 -57.42
CA GLU B 93 -9.26 -27.99 -58.33
C GLU B 93 -10.24 -26.85 -58.07
N ASP B 94 -10.40 -26.44 -56.81
CA ASP B 94 -11.29 -25.34 -56.46
C ASP B 94 -10.76 -24.67 -55.20
N LYS B 95 -10.72 -23.34 -55.20
CA LYS B 95 -10.22 -22.60 -54.04
C LYS B 95 -11.24 -22.55 -52.91
N ASP B 96 -12.53 -22.53 -53.23
CA ASP B 96 -13.55 -22.33 -52.20
C ASP B 96 -13.65 -23.53 -51.26
N ARG B 97 -13.52 -24.76 -51.78
CA ARG B 97 -13.70 -25.94 -50.93
C ARG B 97 -12.62 -26.05 -49.87
N LEU B 98 -11.38 -25.69 -50.19
CA LEU B 98 -10.28 -25.77 -49.23
C LEU B 98 -10.51 -24.74 -48.14
N LEU B 99 -10.48 -25.20 -46.88
CA LEU B 99 -10.64 -24.29 -45.75
C LEU B 99 -9.46 -23.34 -45.67
N GLN B 100 -8.25 -23.83 -45.89
CA GLN B 100 -7.04 -23.03 -45.87
C GLN B 100 -6.09 -23.53 -46.95
N LEU B 101 -5.23 -22.62 -47.42
CA LEU B 101 -4.29 -22.91 -48.50
C LEU B 101 -2.92 -22.39 -48.11
N ARG B 102 -1.88 -23.08 -48.56
CA ARG B 102 -0.50 -22.74 -48.21
C ARG B 102 -0.16 -21.41 -48.86
N GLN B 103 -0.24 -20.33 -48.10
CA GLN B 103 0.01 -18.99 -48.61
C GLN B 103 1.49 -18.60 -48.55
N ARG B 104 2.35 -19.40 -47.92
CA ARG B 104 3.78 -19.14 -47.92
C ARG B 104 4.37 -19.64 -49.23
N SER B 105 5.70 -19.68 -49.30
CA SER B 105 6.43 -20.18 -50.46
C SER B 105 7.33 -21.33 -50.05
N THR B 106 7.34 -22.38 -50.86
CA THR B 106 8.17 -23.54 -50.59
C THR B 106 9.63 -23.23 -50.95
N LEU B 107 10.49 -24.23 -50.77
CA LEU B 107 11.91 -24.10 -51.08
C LEU B 107 12.17 -24.52 -52.52
N ARG B 108 13.29 -24.02 -53.06
CA ARG B 108 13.64 -24.17 -54.48
C ARG B 108 15.02 -24.83 -54.61
N TRP B 109 15.22 -25.93 -53.89
CA TRP B 109 16.52 -26.60 -53.92
C TRP B 109 16.82 -27.18 -55.30
N THR B 110 15.79 -27.58 -56.05
CA THR B 110 15.94 -28.09 -57.39
C THR B 110 14.92 -27.43 -58.32
N ASP B 111 15.30 -27.28 -59.59
CA ASP B 111 14.46 -26.68 -60.61
C ASP B 111 13.97 -27.69 -61.64
N LYS B 112 14.09 -28.98 -61.36
CA LYS B 112 13.62 -29.99 -62.30
C LYS B 112 12.10 -29.91 -62.42
N ASN B 113 11.60 -30.23 -63.62
CA ASN B 113 10.21 -29.93 -63.95
C ASN B 113 9.25 -30.77 -63.11
N PRO B 114 7.97 -30.38 -63.04
CA PRO B 114 7.00 -31.19 -62.29
C PRO B 114 6.87 -32.60 -62.86
N CYS B 115 6.60 -33.54 -61.97
CA CYS B 115 6.57 -34.94 -62.35
C CYS B 115 5.40 -35.22 -63.29
N PRO B 116 5.46 -36.28 -64.10
CA PRO B 116 4.30 -36.65 -64.91
C PRO B 116 3.11 -37.02 -64.05
N ASP B 117 1.91 -36.70 -64.53
CA ASP B 117 0.70 -37.05 -63.80
C ASP B 117 0.49 -38.56 -63.75
N ASN B 118 0.74 -39.25 -64.86
CA ASN B 118 0.52 -40.69 -64.95
C ASN B 118 1.82 -41.39 -64.60
N ALA B 119 2.03 -41.60 -63.30
CA ALA B 119 3.19 -42.35 -62.82
C ALA B 119 2.91 -42.81 -61.40
N GLU B 120 3.63 -43.86 -61.00
CA GLU B 120 3.43 -44.49 -59.69
C GLU B 120 4.63 -44.30 -58.77
N THR B 121 5.82 -44.76 -59.20
CA THR B 121 7.06 -44.63 -58.43
C THR B 121 7.96 -43.69 -59.23
N TYR B 122 7.83 -42.39 -58.96
CA TYR B 122 8.48 -41.35 -59.76
C TYR B 122 9.26 -40.35 -58.92
N CYS B 123 8.88 -40.10 -57.67
CA CYS B 123 9.79 -39.41 -56.76
C CYS B 123 9.33 -39.64 -55.32
N PRO B 124 10.27 -39.64 -54.34
CA PRO B 124 9.88 -39.91 -52.96
C PRO B 124 8.85 -38.94 -52.39
N PHE B 125 9.01 -37.64 -52.64
CA PHE B 125 8.11 -36.68 -52.02
C PHE B 125 6.69 -36.86 -52.52
N CYS B 126 6.52 -37.05 -53.83
CA CYS B 126 5.19 -37.28 -54.38
C CYS B 126 4.61 -38.60 -53.87
N GLU B 127 5.39 -39.67 -53.85
CA GLU B 127 4.82 -40.95 -53.44
C GLU B 127 4.47 -40.96 -51.95
N LEU B 128 5.17 -40.16 -51.13
CA LEU B 128 4.74 -39.98 -49.75
C LEU B 128 3.44 -39.19 -49.66
N LEU B 129 3.37 -38.03 -50.32
CA LEU B 129 2.20 -37.18 -50.11
C LEU B 129 0.94 -37.77 -50.73
N GLY B 130 1.08 -38.62 -51.76
CA GLY B 130 -0.06 -39.25 -52.40
C GLY B 130 -0.02 -39.16 -53.90
N ARG B 131 -1.20 -39.06 -54.53
CA ARG B 131 -1.31 -38.96 -55.98
C ARG B 131 -0.71 -40.20 -56.66
N SER B 132 -1.16 -41.36 -56.20
CA SER B 132 -0.68 -42.64 -56.74
C SER B 132 -1.62 -43.76 -56.36
N PHE B 146 -5.92 -42.08 -49.16
CA PHE B 146 -6.36 -42.47 -47.83
C PHE B 146 -5.76 -43.82 -47.45
N ARG B 147 -4.45 -44.00 -47.66
CA ARG B 147 -3.77 -45.31 -47.42
C ARG B 147 -2.36 -45.09 -46.87
N ILE B 148 -2.05 -43.92 -46.29
CA ILE B 148 -0.66 -43.58 -45.86
C ILE B 148 -0.60 -43.16 -44.40
N HIS B 149 -1.42 -42.20 -43.93
CA HIS B 149 -1.25 -41.64 -42.58
C HIS B 149 -2.31 -42.10 -41.60
N PHE B 150 -3.57 -41.77 -41.86
CA PHE B 150 -4.65 -41.88 -40.86
C PHE B 150 -4.19 -41.13 -39.62
N GLY B 151 -4.35 -41.66 -38.42
CA GLY B 151 -3.73 -41.10 -37.24
C GLY B 151 -4.58 -40.11 -36.45
N ASN B 152 -4.77 -40.40 -35.17
CA ASN B 152 -5.47 -39.49 -34.25
C ASN B 152 -4.90 -39.69 -32.85
N LEU B 153 -4.15 -38.71 -32.38
CA LEU B 153 -3.57 -38.78 -31.04
C LEU B 153 -4.63 -38.42 -30.00
N SER B 154 -4.63 -39.17 -28.90
CA SER B 154 -5.61 -38.99 -27.84
C SER B 154 -4.95 -39.29 -26.49
N LEU B 155 -5.71 -39.05 -25.42
CA LEU B 155 -5.16 -39.26 -24.09
C LEU B 155 -4.93 -40.75 -23.84
N PRO B 156 -4.08 -41.10 -22.89
CA PRO B 156 -3.80 -42.51 -22.64
C PRO B 156 -4.83 -43.17 -21.74
N GLY B 157 -5.28 -44.35 -22.15
CA GLY B 157 -6.24 -45.11 -21.38
C GLY B 157 -7.70 -44.71 -21.56
N LYS B 158 -7.97 -43.70 -22.39
CA LYS B 158 -9.33 -43.23 -22.64
C LYS B 158 -10.02 -42.81 -21.34
N PRO B 159 -9.55 -41.78 -20.66
CA PRO B 159 -10.18 -41.32 -19.42
C PRO B 159 -11.44 -40.52 -19.71
N ASP B 160 -12.12 -40.12 -18.64
CA ASP B 160 -13.29 -39.26 -18.70
C ASP B 160 -13.13 -38.12 -17.71
N PHE B 161 -13.53 -36.92 -18.13
CA PHE B 161 -13.39 -35.73 -17.32
C PHE B 161 -14.64 -34.87 -17.47
N ASP B 162 -14.81 -33.93 -16.54
CA ASP B 162 -16.01 -33.09 -16.52
C ASP B 162 -16.10 -32.23 -17.78
N GLY B 163 -15.00 -31.61 -18.18
CA GLY B 163 -15.00 -30.77 -19.35
C GLY B 163 -13.68 -30.07 -19.62
N PRO B 164 -13.62 -29.34 -20.73
CA PRO B 164 -12.38 -28.62 -21.06
C PRO B 164 -11.99 -27.59 -20.02
N LYS B 165 -12.97 -26.93 -19.40
CA LYS B 165 -12.67 -26.00 -18.32
C LYS B 165 -12.15 -26.75 -17.09
N ALA B 166 -12.61 -27.98 -16.88
CA ALA B 166 -12.15 -28.75 -15.73
C ALA B 166 -10.72 -29.23 -15.91
N ILE B 167 -10.38 -29.75 -17.10
CA ILE B 167 -9.07 -30.34 -17.29
C ILE B 167 -7.97 -29.32 -17.51
N GLY B 168 -8.30 -28.09 -17.90
CA GLY B 168 -7.32 -27.07 -18.19
C GLY B 168 -7.86 -25.69 -17.87
N SER B 169 -7.47 -24.71 -18.69
CA SER B 169 -7.88 -23.33 -18.49
C SER B 169 -7.76 -22.60 -19.82
N GLN B 170 -8.32 -21.40 -19.86
CA GLN B 170 -8.31 -20.55 -21.05
C GLN B 170 -7.45 -19.32 -20.77
N ARG B 171 -6.59 -18.98 -21.74
CA ARG B 171 -5.70 -17.83 -21.65
C ARG B 171 -5.89 -16.98 -22.89
N VAL B 172 -5.61 -15.69 -22.75
CA VAL B 172 -5.89 -14.68 -23.77
C VAL B 172 -4.56 -14.07 -24.23
N LEU B 173 -4.40 -13.93 -25.55
CA LEU B 173 -3.20 -13.41 -26.17
C LEU B 173 -3.54 -12.16 -26.97
N ASN B 174 -2.59 -11.23 -27.02
CA ASN B 174 -2.78 -9.89 -27.58
C ASN B 174 -1.92 -9.69 -28.82
N ARG B 175 -1.98 -8.47 -29.34
CA ARG B 175 -1.15 -8.03 -30.47
C ARG B 175 -0.84 -6.56 -30.24
N VAL B 176 0.34 -6.28 -29.69
CA VAL B 176 0.72 -4.94 -29.29
C VAL B 176 1.40 -4.24 -30.47
N ASP B 177 0.92 -3.04 -30.80
CA ASP B 177 1.57 -2.24 -31.83
C ASP B 177 2.92 -1.75 -31.35
N PHE B 178 3.90 -1.74 -32.25
CA PHE B 178 5.27 -1.38 -31.87
C PHE B 178 5.35 0.08 -31.44
N LYS B 179 4.62 0.97 -32.12
CA LYS B 179 4.78 2.40 -31.86
C LYS B 179 4.08 2.83 -30.58
N SER B 180 2.77 2.58 -30.48
CA SER B 180 2.00 3.07 -29.35
C SER B 180 2.24 2.23 -28.10
N GLY B 181 1.89 0.94 -28.17
CA GLY B 181 2.04 0.02 -27.05
C GLY B 181 0.73 -0.58 -26.59
N LYS B 182 -0.38 0.13 -26.80
CA LYS B 182 -1.69 -0.39 -26.42
C LYS B 182 -2.12 -1.47 -27.41
N ALA B 183 -2.58 -2.60 -26.88
CA ALA B 183 -3.00 -3.70 -27.75
C ALA B 183 -4.28 -3.35 -28.50
N HIS B 184 -4.39 -3.87 -29.71
CA HIS B 184 -5.54 -3.61 -30.58
C HIS B 184 -6.62 -4.69 -30.43
N ASP B 185 -6.27 -5.93 -30.73
CA ASP B 185 -7.21 -7.04 -30.69
C ASP B 185 -6.54 -8.24 -30.01
N PHE B 186 -7.37 -9.11 -29.43
CA PHE B 186 -6.90 -10.25 -28.68
C PHE B 186 -7.81 -11.44 -28.94
N PHE B 187 -7.31 -12.63 -28.61
CA PHE B 187 -8.05 -13.87 -28.77
C PHE B 187 -7.72 -14.79 -27.62
N LYS B 188 -8.62 -15.74 -27.35
CA LYS B 188 -8.48 -16.71 -26.27
C LYS B 188 -8.27 -18.11 -26.85
N ALA B 189 -7.57 -18.94 -26.07
CA ALA B 189 -7.34 -20.33 -26.44
C ALA B 189 -7.18 -21.14 -25.17
N TYR B 190 -7.41 -22.45 -25.29
CA TYR B 190 -7.34 -23.38 -24.17
C TYR B 190 -5.97 -24.04 -24.15
N GLU B 191 -5.33 -24.02 -22.97
CA GLU B 191 -4.00 -24.57 -22.76
C GLU B 191 -4.05 -25.65 -21.69
N VAL B 192 -3.35 -26.74 -21.93
CA VAL B 192 -3.33 -27.89 -21.03
C VAL B 192 -1.88 -28.26 -20.75
N ASP B 193 -1.55 -28.43 -19.47
CA ASP B 193 -0.19 -28.75 -19.06
C ASP B 193 0.08 -30.24 -19.18
N HIS B 194 1.37 -30.59 -19.23
CA HIS B 194 1.80 -31.97 -19.41
C HIS B 194 2.22 -32.65 -18.12
N THR B 195 2.20 -31.94 -16.98
CA THR B 195 2.68 -32.53 -15.74
C THR B 195 1.85 -33.75 -15.33
N ARG B 196 0.57 -33.77 -15.72
CA ARG B 196 -0.31 -34.90 -15.48
C ARG B 196 -0.84 -35.55 -16.75
N PHE B 197 -0.65 -34.93 -17.91
CA PHE B 197 -1.05 -35.47 -19.21
C PHE B 197 0.17 -35.50 -20.12
N PRO B 198 1.15 -36.37 -19.84
CA PRO B 198 2.40 -36.30 -20.60
C PRO B 198 2.34 -37.00 -21.95
N ARG B 199 1.60 -38.11 -22.03
CA ARG B 199 1.67 -39.02 -23.16
C ARG B 199 0.43 -38.89 -24.05
N PHE B 200 0.61 -39.21 -25.32
CA PHE B 200 -0.47 -39.31 -26.29
C PHE B 200 -0.26 -40.55 -27.13
N GLU B 201 -1.35 -41.18 -27.55
CA GLU B 201 -1.32 -42.46 -28.25
C GLU B 201 -1.99 -42.34 -29.61
N GLY B 202 -1.30 -42.80 -30.64
CA GLY B 202 -1.83 -42.77 -31.99
C GLY B 202 -1.19 -43.85 -32.83
N GLU B 203 -1.43 -43.77 -34.14
CA GLU B 203 -0.91 -44.77 -35.07
C GLU B 203 -0.75 -44.14 -36.45
N ILE B 204 0.13 -44.75 -37.24
CA ILE B 204 0.35 -44.37 -38.64
C ILE B 204 0.40 -45.65 -39.46
N THR B 205 -0.38 -45.69 -40.54
CA THR B 205 -0.45 -46.86 -41.40
C THR B 205 0.64 -46.81 -42.45
N ILE B 206 0.72 -47.86 -43.27
CA ILE B 206 1.65 -47.91 -44.40
C ILE B 206 1.22 -49.05 -45.30
N ASP B 207 1.46 -48.89 -46.60
CA ASP B 207 1.05 -49.88 -47.59
C ASP B 207 2.03 -51.04 -47.73
N ASN B 208 3.18 -51.00 -47.05
CA ASN B 208 4.24 -51.98 -47.28
C ASN B 208 4.67 -52.01 -48.74
N LYS B 209 4.69 -50.83 -49.36
CA LYS B 209 4.98 -50.67 -50.77
C LYS B 209 6.11 -49.66 -50.99
N VAL B 210 6.17 -48.64 -50.15
CA VAL B 210 7.15 -47.57 -50.28
C VAL B 210 8.55 -48.14 -50.03
N SER B 211 9.57 -47.38 -50.43
CA SER B 211 10.95 -47.81 -50.27
C SER B 211 11.43 -47.57 -48.85
N ALA B 212 12.66 -48.02 -48.57
CA ALA B 212 13.23 -47.83 -47.24
C ALA B 212 13.52 -46.37 -46.95
N GLU B 213 13.92 -45.61 -47.98
CA GLU B 213 14.15 -44.19 -47.79
C GLU B 213 12.87 -43.44 -47.41
N ALA B 214 11.71 -43.95 -47.80
CA ALA B 214 10.45 -43.36 -47.37
C ALA B 214 10.32 -43.41 -45.85
N ARG B 215 10.52 -44.60 -45.28
CA ARG B 215 10.43 -44.75 -43.83
C ARG B 215 11.55 -43.99 -43.13
N LYS B 216 12.74 -43.95 -43.71
CA LYS B 216 13.82 -43.16 -43.13
C LYS B 216 13.44 -41.68 -43.09
N LEU B 217 12.87 -41.17 -44.18
CA LEU B 217 12.43 -39.78 -44.21
C LEU B 217 11.36 -39.53 -43.17
N LEU B 218 10.40 -40.44 -43.04
CA LEU B 218 9.34 -40.27 -42.04
C LEU B 218 9.93 -40.21 -40.64
N CYS B 219 10.79 -41.18 -40.31
CA CYS B 219 11.33 -41.27 -38.95
C CYS B 219 12.20 -40.06 -38.61
N ASP B 220 13.15 -39.72 -39.48
CA ASP B 220 14.03 -38.61 -39.15
C ASP B 220 13.33 -37.26 -39.26
N SER B 221 12.31 -37.14 -40.12
CA SER B 221 11.50 -35.93 -40.12
C SER B 221 10.74 -35.78 -38.81
N LEU B 222 10.20 -36.88 -38.29
CA LEU B 222 9.54 -36.84 -36.99
C LEU B 222 10.52 -36.45 -35.89
N LYS B 223 11.74 -36.98 -35.96
CA LYS B 223 12.77 -36.56 -35.02
C LYS B 223 13.12 -35.08 -35.17
N PHE B 224 13.05 -34.56 -36.40
CA PHE B 224 13.47 -33.20 -36.67
C PHE B 224 12.40 -32.17 -36.32
N THR B 225 11.13 -32.57 -36.28
CA THR B 225 10.07 -31.63 -35.92
C THR B 225 10.31 -31.05 -34.53
N ASP B 226 10.15 -29.72 -34.41
CA ASP B 226 10.35 -29.01 -33.16
C ASP B 226 9.04 -28.65 -32.47
N ARG B 227 8.05 -28.21 -33.23
CA ARG B 227 6.77 -27.74 -32.69
C ARG B 227 5.65 -28.55 -33.32
N LEU B 228 4.85 -29.19 -32.48
CA LEU B 228 3.67 -29.93 -32.90
C LEU B 228 2.51 -29.56 -31.99
N CYS B 229 1.33 -29.36 -32.58
CA CYS B 229 0.14 -28.94 -31.85
C CYS B 229 0.42 -27.63 -31.10
N GLY B 230 1.16 -26.73 -31.76
CA GLY B 230 1.44 -25.42 -31.21
C GLY B 230 2.19 -25.42 -29.90
N ALA B 231 3.23 -26.25 -29.81
CA ALA B 231 4.05 -26.29 -28.59
C ALA B 231 5.32 -27.07 -28.87
N LEU B 232 6.45 -26.55 -28.38
CA LEU B 232 7.70 -27.28 -28.47
C LEU B 232 7.61 -28.56 -27.63
N CYS B 233 8.13 -29.65 -28.18
CA CYS B 233 7.91 -30.96 -27.56
C CYS B 233 8.95 -31.94 -28.11
N VAL B 234 9.01 -33.10 -27.46
CA VAL B 234 9.83 -34.22 -27.89
C VAL B 234 8.91 -35.24 -28.55
N ILE B 235 9.05 -35.39 -29.87
CA ILE B 235 8.18 -36.29 -30.63
C ILE B 235 8.85 -37.66 -30.56
N ARG B 236 8.56 -38.37 -29.47
CA ARG B 236 9.18 -39.66 -29.18
C ARG B 236 8.31 -40.77 -29.76
N PHE B 237 8.78 -41.37 -30.85
CA PHE B 237 8.07 -42.46 -31.50
C PHE B 237 8.57 -43.80 -30.96
N ASP B 238 8.03 -44.88 -31.49
CA ASP B 238 8.43 -46.24 -31.09
C ASP B 238 8.28 -47.20 -32.26
N ASN B 260 -15.93 -29.92 0.13
CA ASN B 260 -17.03 -29.61 1.03
C ASN B 260 -16.49 -29.06 2.34
N LEU B 261 -17.35 -28.99 3.36
CA LEU B 261 -17.01 -28.47 4.70
C LEU B 261 -16.31 -27.12 4.64
N ALA B 262 -16.72 -26.27 3.69
CA ALA B 262 -16.29 -24.89 3.57
C ALA B 262 -17.46 -23.92 3.54
N GLU B 263 -18.55 -24.29 2.89
CA GLU B 263 -19.75 -23.47 2.92
C GLU B 263 -20.30 -23.37 4.33
N LYS B 264 -20.22 -24.45 5.10
CA LYS B 264 -20.65 -24.40 6.49
C LYS B 264 -19.79 -23.44 7.30
N THR B 265 -18.47 -23.44 7.06
CA THR B 265 -17.60 -22.50 7.76
C THR B 265 -17.93 -21.06 7.38
N ALA B 266 -18.15 -20.81 6.09
CA ALA B 266 -18.53 -19.47 5.66
C ALA B 266 -19.84 -19.03 6.30
N GLU B 267 -20.80 -19.96 6.39
CA GLU B 267 -22.06 -19.65 7.05
C GLU B 267 -21.85 -19.34 8.52
N GLN B 268 -20.96 -20.08 9.18
CA GLN B 268 -20.69 -19.82 10.59
C GLN B 268 -20.10 -18.42 10.77
N ILE B 269 -19.14 -18.05 9.94
CA ILE B 269 -18.52 -16.73 10.06
C ILE B 269 -19.53 -15.63 9.78
N ILE B 270 -20.32 -15.77 8.70
CA ILE B 270 -21.26 -14.70 8.37
C ILE B 270 -22.37 -14.62 9.41
N SER B 271 -22.77 -15.75 9.99
CA SER B 271 -23.77 -15.72 11.06
C SER B 271 -23.21 -15.03 12.30
N ILE B 272 -21.95 -15.28 12.63
CA ILE B 272 -21.33 -14.60 13.76
C ILE B 272 -21.31 -13.09 13.50
N LEU B 273 -20.93 -12.69 12.29
CA LEU B 273 -20.89 -11.27 11.96
C LEU B 273 -22.28 -10.65 12.03
N ASP B 274 -23.29 -11.35 11.53
CA ASP B 274 -24.66 -10.83 11.57
C ASP B 274 -25.16 -10.71 13.00
N ASP B 275 -24.86 -11.70 13.84
CA ASP B 275 -25.27 -11.63 15.25
C ASP B 275 -24.58 -10.47 15.95
N ASN B 276 -23.30 -10.26 15.68
CA ASN B 276 -22.56 -9.13 16.24
C ASN B 276 -22.67 -7.86 15.41
N LYS B 277 -23.35 -7.91 14.26
CA LYS B 277 -23.54 -6.75 13.39
C LYS B 277 -22.15 -6.28 12.92
N LYS B 278 -22.01 -4.99 12.60
CA LYS B 278 -20.75 -4.43 12.10
C LYS B 278 -20.28 -5.16 10.85
N THR B 279 -21.08 -5.05 9.80
CA THR B 279 -20.77 -5.67 8.51
C THR B 279 -19.71 -4.92 7.73
N GLU B 280 -19.31 -3.72 8.16
CA GLU B 280 -18.31 -2.95 7.42
C GLU B 280 -16.94 -3.62 7.43
N TYR B 281 -16.67 -4.51 8.37
CA TYR B 281 -15.38 -5.18 8.49
C TYR B 281 -15.32 -6.49 7.71
N THR B 282 -16.33 -6.79 6.90
CA THR B 282 -16.36 -8.07 6.19
C THR B 282 -15.21 -8.17 5.19
N ARG B 283 -14.99 -7.10 4.41
CA ARG B 283 -13.90 -7.13 3.43
C ARG B 283 -12.54 -7.17 4.11
N LEU B 284 -12.39 -6.42 5.21
CA LEU B 284 -11.13 -6.45 5.95
C LEU B 284 -10.85 -7.84 6.50
N LEU B 285 -11.87 -8.51 7.04
CA LEU B 285 -11.70 -9.87 7.52
C LEU B 285 -11.39 -10.82 6.37
N ALA B 286 -12.00 -10.59 5.20
CA ALA B 286 -11.69 -11.43 4.04
C ALA B 286 -10.23 -11.31 3.65
N ASP B 287 -9.72 -10.08 3.60
CA ASP B 287 -8.32 -9.88 3.27
C ASP B 287 -7.41 -10.50 4.32
N ALA B 288 -7.74 -10.30 5.60
CA ALA B 288 -6.90 -10.83 6.67
C ALA B 288 -6.85 -12.35 6.65
N ILE B 289 -8.00 -13.01 6.45
CA ILE B 289 -8.03 -14.46 6.46
C ILE B 289 -7.49 -15.06 5.17
N ARG B 290 -7.53 -14.32 4.06
CA ARG B 290 -6.86 -14.79 2.85
C ARG B 290 -5.35 -14.65 2.94
N SER B 291 -4.88 -13.66 3.70
CA SER B 291 -3.44 -13.48 3.85
C SER B 291 -2.76 -14.58 4.65
N LEU B 292 -3.52 -15.45 5.32
CA LEU B 292 -2.96 -16.51 6.14
C LEU B 292 -2.68 -17.79 5.36
N ARG B 293 -2.54 -17.70 4.05
CA ARG B 293 -2.29 -18.89 3.23
C ARG B 293 -0.82 -19.30 3.19
N ARG B 294 0.06 -18.58 3.87
CA ARG B 294 1.47 -18.93 3.85
C ARG B 294 1.70 -20.27 4.55
N SER B 295 1.18 -20.42 5.76
CA SER B 295 1.34 -21.66 6.52
C SER B 295 0.33 -21.63 7.67
N SER B 296 0.17 -22.80 8.31
CA SER B 296 -0.75 -22.93 9.43
C SER B 296 -0.17 -22.43 10.75
N LYS B 297 1.12 -22.09 10.79
CA LYS B 297 1.75 -21.66 12.03
C LYS B 297 1.39 -20.24 12.44
N LEU B 298 0.87 -19.42 11.52
CA LEU B 298 0.59 -18.03 11.82
C LEU B 298 -0.70 -17.83 12.61
N VAL B 299 -1.62 -18.81 12.57
CA VAL B 299 -2.90 -18.63 13.25
C VAL B 299 -2.71 -18.58 14.77
N ALA B 300 -1.75 -19.36 15.28
CA ALA B 300 -1.51 -19.37 16.73
C ALA B 300 -0.99 -18.03 17.20
N GLY B 301 -0.08 -17.42 16.44
CA GLY B 301 0.53 -16.16 16.84
C GLY B 301 -0.21 -14.93 16.34
N LEU B 302 -1.54 -14.99 16.33
CA LEU B 302 -2.33 -13.86 15.91
C LEU B 302 -2.22 -12.73 16.94
N PRO B 303 -2.43 -11.48 16.52
CA PRO B 303 -2.24 -10.37 17.46
C PRO B 303 -3.24 -10.42 18.61
N LYS B 304 -2.79 -9.92 19.76
CA LYS B 304 -3.58 -9.90 20.99
C LYS B 304 -3.99 -8.47 21.31
N ASP B 305 -4.74 -8.33 22.40
CA ASP B 305 -5.20 -7.03 22.86
C ASP B 305 -4.00 -6.21 23.37
N HIS B 306 -4.22 -4.90 23.53
CA HIS B 306 -3.18 -4.02 24.06
C HIS B 306 -2.70 -4.50 25.42
N ASP B 307 -3.59 -5.05 26.23
CA ASP B 307 -3.25 -5.58 27.55
C ASP B 307 -2.82 -7.04 27.51
N GLY B 308 -2.71 -7.64 26.32
CA GLY B 308 -2.33 -9.04 26.20
C GLY B 308 -3.45 -10.03 26.39
N LYS B 309 -4.70 -9.57 26.47
CA LYS B 309 -5.84 -10.45 26.68
C LYS B 309 -6.29 -11.03 25.33
N ASP B 310 -7.47 -11.65 25.32
CA ASP B 310 -7.99 -12.35 24.14
C ASP B 310 -9.32 -11.76 23.71
N ASP B 311 -9.39 -10.43 23.61
CA ASP B 311 -10.59 -9.71 23.18
C ASP B 311 -10.25 -8.76 22.02
N HIS B 312 -9.54 -9.29 21.02
CA HIS B 312 -9.20 -8.49 19.85
C HIS B 312 -10.47 -8.07 19.11
N TYR B 313 -10.44 -6.87 18.53
CA TYR B 313 -11.61 -6.29 17.91
C TYR B 313 -11.99 -6.95 16.59
N LEU B 314 -11.15 -7.82 16.04
CA LEU B 314 -11.46 -8.61 14.85
C LEU B 314 -11.38 -10.11 15.09
N TRP B 315 -10.35 -10.58 15.80
CA TRP B 315 -10.15 -12.00 16.02
C TRP B 315 -10.92 -12.54 17.23
N ASP B 316 -11.63 -11.69 17.96
CA ASP B 316 -12.48 -12.10 19.07
C ASP B 316 -13.82 -11.38 19.00
N ILE B 317 -14.31 -11.15 17.78
CA ILE B 317 -15.60 -10.48 17.60
C ILE B 317 -16.73 -11.39 18.10
N GLY B 318 -16.59 -12.69 17.92
CA GLY B 318 -17.61 -13.64 18.34
C GLY B 318 -17.81 -13.67 19.84
N THR B 328 -15.37 -17.96 19.73
CA THR B 328 -14.98 -16.86 18.85
C THR B 328 -14.31 -17.40 17.58
N ILE B 329 -13.90 -16.49 16.71
CA ILE B 329 -13.26 -16.89 15.46
C ILE B 329 -11.87 -17.48 15.70
N ARG B 330 -11.16 -17.00 16.73
CA ARG B 330 -9.82 -17.53 17.01
C ARG B 330 -9.87 -19.00 17.36
N GLN B 331 -10.84 -19.39 18.20
CA GLN B 331 -10.97 -20.81 18.57
C GLN B 331 -11.31 -21.66 17.36
N ILE B 332 -12.20 -21.16 16.50
CA ILE B 332 -12.57 -21.90 15.30
C ILE B 332 -11.36 -22.10 14.41
N LEU B 333 -10.59 -21.03 14.21
CA LEU B 333 -9.40 -21.13 13.37
C LEU B 333 -8.39 -22.11 13.95
N THR B 334 -8.17 -22.06 15.27
CA THR B 334 -7.20 -22.96 15.89
C THR B 334 -7.64 -24.41 15.79
N THR B 335 -8.90 -24.71 16.12
CA THR B 335 -9.35 -26.09 16.07
C THR B 335 -9.49 -26.60 14.65
N SER B 336 -9.67 -25.71 13.66
CA SER B 336 -9.63 -26.15 12.27
C SER B 336 -8.20 -26.43 11.83
N ALA B 337 -7.25 -25.61 12.26
CA ALA B 337 -5.86 -25.84 11.92
C ALA B 337 -5.32 -27.12 12.58
N ASP B 338 -5.85 -27.47 13.74
CA ASP B 338 -5.42 -28.68 14.42
C ASP B 338 -6.03 -29.95 13.83
N THR B 339 -6.94 -29.84 12.87
CA THR B 339 -7.58 -31.01 12.29
C THR B 339 -6.56 -31.89 11.59
N LYS B 340 -6.77 -33.21 11.67
CA LYS B 340 -5.82 -34.16 11.11
C LYS B 340 -5.79 -34.07 9.59
N GLU B 341 -6.94 -33.89 8.95
CA GLU B 341 -6.98 -33.89 7.49
C GLU B 341 -6.31 -32.65 6.91
N LEU B 342 -6.42 -31.50 7.57
CA LEU B 342 -5.85 -30.25 7.07
C LEU B 342 -4.41 -30.05 7.55
N LYS B 343 -3.57 -31.05 7.28
CA LYS B 343 -2.14 -30.98 7.61
C LYS B 343 -1.26 -30.66 6.42
N ASN B 344 -1.74 -30.91 5.19
CA ASN B 344 -0.96 -30.57 4.01
C ASN B 344 -0.98 -29.07 3.76
N ALA B 345 0.17 -28.54 3.35
CA ALA B 345 0.26 -27.12 3.04
C ALA B 345 -0.66 -26.75 1.89
N GLY B 346 -0.71 -27.60 0.86
CA GLY B 346 -1.61 -27.35 -0.25
C GLY B 346 -3.07 -27.28 0.19
N LYS B 347 -3.48 -28.26 1.01
CA LYS B 347 -4.85 -28.27 1.53
C LYS B 347 -5.13 -27.03 2.35
N TRP B 348 -4.18 -26.62 3.20
CA TRP B 348 -4.38 -25.45 4.04
C TRP B 348 -4.55 -24.20 3.21
N ARG B 349 -3.66 -23.99 2.23
CA ARG B 349 -3.73 -22.77 1.43
C ARG B 349 -4.99 -22.74 0.57
N GLU B 350 -5.37 -23.87 -0.02
CA GLU B 350 -6.57 -23.85 -0.84
C GLU B 350 -7.82 -23.69 0.00
N PHE B 351 -7.84 -24.25 1.22
CA PHE B 351 -8.97 -24.01 2.11
C PHE B 351 -9.08 -22.54 2.48
N CYS B 352 -7.95 -21.90 2.80
CA CYS B 352 -7.99 -20.48 3.13
C CYS B 352 -8.46 -19.65 1.94
N GLU B 353 -7.99 -20.00 0.74
CA GLU B 353 -8.42 -19.30 -0.46
C GLU B 353 -9.91 -19.47 -0.69
N LYS B 354 -10.42 -20.68 -0.50
CA LYS B 354 -11.85 -20.93 -0.67
C LYS B 354 -12.66 -20.14 0.33
N LEU B 355 -12.23 -20.11 1.59
CA LEU B 355 -12.95 -19.36 2.61
C LEU B 355 -12.98 -17.87 2.26
N GLY B 356 -11.83 -17.31 1.89
CA GLY B 356 -11.79 -15.90 1.53
C GLY B 356 -12.65 -15.58 0.32
N GLU B 357 -12.58 -16.44 -0.70
CA GLU B 357 -13.35 -16.21 -1.93
C GLU B 357 -14.84 -16.27 -1.66
N ALA B 358 -15.30 -17.32 -0.96
CA ALA B 358 -16.72 -17.45 -0.66
C ALA B 358 -17.21 -16.30 0.22
N LEU B 359 -16.40 -15.89 1.19
CA LEU B 359 -16.80 -14.79 2.05
C LEU B 359 -16.88 -13.48 1.27
N TYR B 360 -15.96 -13.29 0.32
CA TYR B 360 -16.03 -12.08 -0.51
C TYR B 360 -17.28 -12.06 -1.38
N LEU B 361 -17.63 -13.20 -1.99
CA LEU B 361 -18.87 -13.25 -2.77
C LEU B 361 -20.09 -13.02 -1.89
N LYS B 362 -20.10 -13.60 -0.68
CA LYS B 362 -21.22 -13.36 0.23
C LYS B 362 -21.33 -11.89 0.61
N SER B 363 -20.19 -11.25 0.87
CA SER B 363 -20.20 -9.82 1.17
C SER B 363 -20.60 -8.98 -0.04
N LYS B 364 -20.38 -9.47 -1.25
CA LYS B 364 -20.75 -8.77 -2.48
C LYS B 364 -20.03 -7.43 -2.57
N SER B 399 22.57 -25.67 -50.10
CA SER B 399 22.47 -24.50 -49.25
C SER B 399 23.03 -24.78 -47.86
N VAL B 400 23.80 -23.83 -47.32
CA VAL B 400 24.43 -23.97 -46.02
C VAL B 400 23.45 -23.51 -44.96
N LEU B 401 23.06 -24.42 -44.07
CA LEU B 401 22.15 -24.13 -42.96
C LEU B 401 22.85 -24.50 -41.66
N LYS B 402 22.85 -23.56 -40.71
CA LYS B 402 23.53 -23.72 -39.43
C LYS B 402 22.51 -23.73 -38.30
N GLU B 403 22.97 -24.20 -37.13
CA GLU B 403 22.15 -24.30 -35.93
C GLU B 403 22.94 -23.78 -34.74
N THR B 404 22.22 -23.42 -33.69
CA THR B 404 22.82 -22.87 -32.48
C THR B 404 22.07 -23.42 -31.27
N VAL B 405 22.80 -23.62 -30.17
CA VAL B 405 22.27 -24.25 -28.96
C VAL B 405 22.50 -23.37 -27.74
N VAL B 406 22.40 -22.04 -27.92
CA VAL B 406 22.64 -21.11 -26.83
C VAL B 406 21.74 -21.43 -25.64
N CYS B 407 22.31 -21.34 -24.44
CA CYS B 407 21.62 -21.61 -23.18
C CYS B 407 21.98 -20.52 -22.18
N GLY B 408 21.49 -20.66 -20.97
CA GLY B 408 21.79 -19.70 -19.93
C GLY B 408 20.80 -19.82 -18.77
N GLU B 409 20.96 -18.91 -17.82
CA GLU B 409 20.11 -18.83 -16.64
C GLU B 409 19.61 -17.40 -16.49
N LEU B 410 18.30 -17.26 -16.27
CA LEU B 410 17.65 -15.94 -16.17
C LEU B 410 17.35 -15.66 -14.71
N VAL B 411 18.30 -15.00 -14.04
CA VAL B 411 18.12 -14.61 -12.64
C VAL B 411 17.26 -13.36 -12.61
N ALA B 412 16.18 -13.42 -11.84
CA ALA B 412 15.25 -12.30 -11.73
C ALA B 412 15.71 -11.35 -10.64
N LYS B 413 15.96 -10.09 -11.02
CA LYS B 413 16.43 -9.06 -10.10
C LYS B 413 15.31 -8.12 -9.65
N THR B 414 14.07 -8.39 -10.02
CA THR B 414 12.94 -7.53 -9.69
C THR B 414 11.67 -8.37 -9.76
N PRO B 415 10.63 -8.05 -8.99
CA PRO B 415 9.37 -8.79 -9.13
C PRO B 415 8.80 -8.69 -10.53
N PHE B 416 8.15 -9.76 -10.97
CA PHE B 416 7.61 -9.89 -12.31
C PHE B 416 6.14 -10.28 -12.24
N PHE B 417 5.42 -10.00 -13.33
CA PHE B 417 3.99 -10.25 -13.39
C PHE B 417 3.61 -10.62 -14.82
N PHE B 418 2.76 -11.65 -14.96
CA PHE B 418 2.25 -12.09 -16.24
C PHE B 418 0.73 -12.23 -16.14
N GLY B 419 0.01 -11.67 -17.11
CA GLY B 419 -1.42 -11.61 -17.03
C GLY B 419 -2.06 -12.97 -17.26
N ALA B 420 -2.75 -13.50 -16.26
CA ALA B 420 -3.49 -14.75 -16.36
C ALA B 420 -4.85 -14.59 -15.69
N ILE B 421 -5.57 -13.53 -16.07
CA ILE B 421 -6.82 -13.15 -15.39
C ILE B 421 -7.83 -14.28 -15.51
N ASP B 422 -8.43 -14.63 -14.37
CA ASP B 422 -9.44 -15.66 -14.25
C ASP B 422 -10.69 -15.07 -13.60
N GLU B 423 -11.70 -15.92 -13.40
CA GLU B 423 -12.99 -15.49 -12.86
C GLU B 423 -13.28 -16.02 -11.46
N ASP B 424 -12.64 -17.12 -11.04
CA ASP B 424 -12.92 -17.67 -9.72
C ASP B 424 -12.49 -16.71 -8.62
N ALA B 425 -11.30 -16.13 -8.73
CA ALA B 425 -10.75 -15.25 -7.70
C ALA B 425 -11.19 -13.82 -8.01
N LYS B 426 -12.42 -13.50 -7.60
CA LYS B 426 -12.95 -12.15 -7.80
C LYS B 426 -12.42 -11.15 -6.78
N GLN B 427 -11.84 -11.61 -5.67
CA GLN B 427 -11.31 -10.68 -4.68
C GLN B 427 -10.13 -9.90 -5.25
N THR B 428 -9.23 -10.58 -5.98
CA THR B 428 -8.09 -9.96 -6.64
C THR B 428 -8.37 -9.89 -8.12
N ALA B 429 -8.29 -8.68 -8.69
CA ALA B 429 -8.60 -8.49 -10.10
C ALA B 429 -7.54 -9.16 -10.99
N LEU B 430 -6.27 -8.98 -10.65
CA LEU B 430 -5.16 -9.44 -11.46
C LEU B 430 -4.42 -10.57 -10.74
N GLN B 431 -4.14 -11.65 -11.48
CA GLN B 431 -3.46 -12.82 -10.94
C GLN B 431 -2.32 -13.22 -11.87
N VAL B 432 -1.24 -13.71 -11.26
CA VAL B 432 -0.07 -14.16 -12.02
C VAL B 432 -0.38 -15.49 -12.68
N LEU B 433 0.48 -15.91 -13.59
CA LEU B 433 0.28 -17.15 -14.36
C LEU B 433 0.90 -18.30 -13.58
N LEU B 434 0.11 -18.88 -12.67
CA LEU B 434 0.55 -19.99 -11.84
C LEU B 434 0.26 -21.32 -12.55
N THR B 435 1.22 -22.24 -12.48
CA THR B 435 1.05 -23.56 -13.05
C THR B 435 0.08 -24.36 -12.18
N PRO B 436 -0.45 -25.49 -12.68
CA PRO B 436 -1.34 -26.30 -11.84
C PRO B 436 -0.69 -26.79 -10.56
N ASP B 437 0.63 -26.94 -10.54
CA ASP B 437 1.37 -27.38 -9.36
C ASP B 437 1.75 -26.24 -8.43
N ASN B 438 1.08 -25.08 -8.53
CA ASN B 438 1.35 -23.91 -7.70
C ASN B 438 2.82 -23.48 -7.83
N LYS B 439 3.27 -23.36 -9.08
CA LYS B 439 4.60 -22.87 -9.40
C LYS B 439 4.49 -21.85 -10.52
N TYR B 440 5.51 -21.00 -10.63
CA TYR B 440 5.49 -19.90 -11.58
C TYR B 440 5.88 -20.37 -12.97
N ARG B 441 5.47 -19.59 -13.98
CA ARG B 441 5.64 -19.95 -15.38
C ARG B 441 6.19 -18.75 -16.14
N LEU B 442 6.90 -19.05 -17.23
CA LEU B 442 7.48 -18.05 -18.14
C LEU B 442 7.00 -18.38 -19.54
N PRO B 443 5.79 -17.94 -19.93
CA PRO B 443 5.23 -18.37 -21.21
C PRO B 443 6.05 -17.88 -22.39
N ARG B 444 6.08 -18.70 -23.45
CA ARG B 444 6.86 -18.36 -24.63
C ARG B 444 6.34 -17.13 -25.35
N SER B 445 5.05 -16.82 -25.21
CA SER B 445 4.48 -15.67 -25.92
C SER B 445 5.14 -14.38 -25.46
N ALA B 446 5.34 -14.22 -24.15
CA ALA B 446 5.97 -13.00 -23.65
C ALA B 446 7.41 -12.90 -24.14
N VAL B 447 8.15 -14.01 -24.13
CA VAL B 447 9.54 -13.98 -24.57
C VAL B 447 9.62 -13.63 -26.05
N ARG B 448 8.74 -14.21 -26.87
CA ARG B 448 8.75 -13.92 -28.30
C ARG B 448 8.37 -12.47 -28.56
N GLY B 449 7.39 -11.95 -27.84
CA GLY B 449 7.03 -10.54 -28.01
C GLY B 449 8.16 -9.61 -27.63
N ILE B 450 8.87 -9.93 -26.55
CA ILE B 450 9.97 -9.07 -26.12
C ILE B 450 11.13 -9.15 -27.10
N LEU B 451 11.39 -10.34 -27.66
CA LEU B 451 12.39 -10.45 -28.71
C LEU B 451 11.99 -9.62 -29.92
N ARG B 452 10.70 -9.64 -30.28
CA ARG B 452 10.23 -8.82 -31.39
C ARG B 452 10.46 -7.34 -31.11
N ARG B 453 10.13 -6.89 -29.90
CA ARG B 453 10.34 -5.48 -29.54
C ARG B 453 11.82 -5.11 -29.64
N ASP B 454 12.70 -5.96 -29.08
CA ASP B 454 14.12 -5.64 -29.07
C ASP B 454 14.69 -5.60 -30.48
N LEU B 455 14.39 -6.60 -31.30
CA LEU B 455 14.95 -6.62 -32.65
C LEU B 455 14.39 -5.49 -33.50
N GLN B 456 13.10 -5.18 -33.36
CA GLN B 456 12.54 -4.09 -34.14
C GLN B 456 13.13 -2.75 -33.74
N THR B 457 13.27 -2.49 -32.43
CA THR B 457 13.86 -1.21 -32.03
C THR B 457 15.35 -1.15 -32.31
N TYR B 458 16.03 -2.29 -32.45
CA TYR B 458 17.42 -2.27 -32.90
C TYR B 458 17.50 -1.93 -34.39
N PHE B 459 16.66 -2.57 -35.20
CA PHE B 459 16.73 -2.35 -36.66
C PHE B 459 16.14 -1.02 -37.07
N ASP B 460 15.29 -0.40 -36.23
CA ASP B 460 14.64 0.86 -36.55
C ASP B 460 13.78 0.73 -37.81
N SER B 461 12.99 -0.33 -37.85
CA SER B 461 12.11 -0.63 -38.98
C SER B 461 10.84 -1.28 -38.45
N PRO B 462 9.88 -0.49 -37.98
CA PRO B 462 8.62 -1.07 -37.46
C PRO B 462 7.90 -1.87 -38.53
N CYS B 463 7.70 -3.16 -38.25
CA CYS B 463 7.05 -4.06 -39.19
C CYS B 463 5.56 -3.75 -39.25
N ASN B 464 5.13 -3.11 -40.33
CA ASN B 464 3.74 -2.69 -40.51
C ASN B 464 2.88 -3.75 -41.19
N ALA B 465 3.28 -5.02 -41.10
CA ALA B 465 2.50 -6.09 -41.71
C ALA B 465 1.21 -6.31 -40.94
N GLU B 466 0.23 -6.93 -41.61
CA GLU B 466 -1.06 -7.23 -41.05
C GLU B 466 -1.32 -8.73 -41.17
N LEU B 467 -2.41 -9.16 -40.52
CA LEU B 467 -2.76 -10.58 -40.54
C LEU B 467 -3.10 -11.03 -41.95
N GLY B 468 -2.65 -12.23 -42.30
CA GLY B 468 -2.90 -12.77 -43.62
C GLY B 468 -2.01 -12.15 -44.68
N GLY B 469 -2.37 -12.38 -45.92
CA GLY B 469 -1.62 -11.86 -47.06
C GLY B 469 -0.45 -12.77 -47.40
N ARG B 470 0.76 -12.19 -47.42
CA ARG B 470 2.00 -12.89 -47.68
C ARG B 470 2.99 -12.57 -46.58
N PRO B 471 3.88 -13.50 -46.21
CA PRO B 471 4.90 -13.15 -45.21
C PRO B 471 5.87 -12.13 -45.77
N CYS B 472 5.89 -10.95 -45.16
CA CYS B 472 6.77 -9.88 -45.60
C CYS B 472 8.22 -10.30 -45.45
N MET B 473 9.05 -9.92 -46.43
CA MET B 473 10.44 -10.34 -46.49
C MET B 473 11.37 -9.36 -45.78
N CYS B 474 10.87 -8.61 -44.79
CA CYS B 474 11.72 -7.72 -44.04
C CYS B 474 12.71 -8.50 -43.18
N LYS B 475 13.75 -7.80 -42.73
CA LYS B 475 14.85 -8.45 -42.04
C LYS B 475 14.38 -9.11 -40.75
N THR B 476 13.50 -8.44 -40.01
CA THR B 476 13.05 -8.98 -38.73
C THR B 476 12.33 -10.30 -38.90
N CYS B 477 11.34 -10.35 -39.80
CA CYS B 477 10.61 -11.60 -40.02
C CYS B 477 11.51 -12.66 -40.64
N ARG B 478 12.44 -12.26 -41.51
CA ARG B 478 13.38 -13.21 -42.08
C ARG B 478 14.22 -13.88 -40.99
N ILE B 479 14.69 -13.09 -40.02
CA ILE B 479 15.47 -13.66 -38.92
C ILE B 479 14.59 -14.51 -38.02
N MET B 480 13.34 -14.10 -37.80
CA MET B 480 12.48 -14.80 -36.85
C MET B 480 11.77 -16.01 -37.45
N ARG B 481 11.93 -16.28 -38.74
CA ARG B 481 11.31 -17.47 -39.31
C ARG B 481 11.98 -18.77 -38.87
N GLY B 482 13.06 -18.70 -38.08
CA GLY B 482 13.72 -19.89 -37.57
C GLY B 482 14.16 -19.77 -36.13
N ILE B 483 13.46 -18.94 -35.33
CA ILE B 483 13.77 -18.74 -33.92
C ILE B 483 12.77 -19.52 -33.07
N THR B 484 13.28 -20.18 -32.04
CA THR B 484 12.46 -20.95 -31.12
C THR B 484 12.98 -20.76 -29.69
N VAL B 485 12.06 -20.66 -28.74
CA VAL B 485 12.40 -20.48 -27.33
C VAL B 485 11.51 -21.40 -26.50
N MET B 486 12.10 -22.00 -25.47
CA MET B 486 11.46 -23.04 -24.68
C MET B 486 10.91 -22.47 -23.38
N ASP B 487 9.77 -22.99 -22.95
CA ASP B 487 9.15 -22.56 -21.70
C ASP B 487 9.97 -23.02 -20.50
N ALA B 488 9.79 -22.32 -19.38
CA ALA B 488 10.51 -22.62 -18.15
C ALA B 488 9.55 -22.55 -16.97
N ARG B 489 9.92 -23.23 -15.89
CA ARG B 489 9.15 -23.26 -14.65
C ARG B 489 10.08 -22.98 -13.48
N SER B 490 9.53 -22.36 -12.45
CA SER B 490 10.29 -22.01 -11.26
C SER B 490 10.36 -23.22 -10.31
N GLU B 491 10.91 -22.98 -9.12
CA GLU B 491 10.95 -23.99 -8.06
C GLU B 491 10.53 -23.46 -6.69
N TYR B 492 10.44 -22.14 -6.51
CA TYR B 492 10.08 -21.55 -5.23
C TYR B 492 8.56 -21.59 -5.06
N ASN B 493 8.05 -22.80 -4.84
CA ASN B 493 6.62 -23.01 -4.68
C ASN B 493 6.16 -22.35 -3.39
N ALA B 494 5.48 -21.22 -3.52
CA ALA B 494 4.95 -20.49 -2.37
C ALA B 494 3.82 -19.59 -2.87
N PRO B 495 2.90 -19.18 -1.99
CA PRO B 495 1.84 -18.27 -2.42
C PRO B 495 2.42 -16.90 -2.77
N PRO B 496 2.10 -16.32 -3.92
CA PRO B 496 2.63 -14.98 -4.22
C PRO B 496 2.07 -13.93 -3.29
N GLU B 497 2.89 -12.91 -3.04
CA GLU B 497 2.47 -11.80 -2.20
C GLU B 497 1.49 -10.91 -2.97
N ILE B 498 0.90 -9.95 -2.26
CA ILE B 498 -0.12 -9.06 -2.79
C ILE B 498 0.33 -7.62 -2.56
N ARG B 499 0.09 -6.77 -3.55
CA ARG B 499 0.45 -5.35 -3.51
C ARG B 499 -0.78 -4.51 -3.84
N HIS B 500 -0.97 -3.44 -3.07
CA HIS B 500 -2.12 -2.56 -3.21
C HIS B 500 -1.78 -1.34 -4.06
N ARG B 501 -2.81 -0.60 -4.45
CA ARG B 501 -2.66 0.61 -5.24
C ARG B 501 -3.88 1.48 -5.02
N THR B 502 -3.68 2.80 -5.03
CA THR B 502 -4.75 3.76 -4.78
C THR B 502 -4.56 4.96 -5.69
N ARG B 503 -5.64 5.72 -5.85
CA ARG B 503 -5.65 6.96 -6.62
C ARG B 503 -5.82 8.13 -5.67
N ILE B 504 -5.31 9.29 -6.07
CA ILE B 504 -5.31 10.50 -5.26
C ILE B 504 -6.04 11.59 -6.01
N ASN B 505 -6.92 12.30 -5.29
CA ASN B 505 -7.65 13.43 -5.87
C ASN B 505 -6.82 14.69 -5.72
N PRO B 506 -6.45 15.38 -6.81
CA PRO B 506 -5.51 16.51 -6.65
C PRO B 506 -6.08 17.69 -5.89
N PHE B 507 -7.39 17.91 -5.95
CA PHE B 507 -7.99 19.10 -5.35
C PHE B 507 -8.22 18.97 -3.85
N THR B 508 -8.07 17.77 -3.28
CA THR B 508 -8.33 17.54 -1.86
C THR B 508 -7.26 16.74 -1.14
N GLY B 509 -6.37 16.05 -1.86
CA GLY B 509 -5.35 15.26 -1.19
C GLY B 509 -5.91 14.11 -0.37
N THR B 510 -6.89 13.39 -0.92
CA THR B 510 -7.48 12.24 -0.27
C THR B 510 -7.85 11.21 -1.33
N VAL B 511 -7.92 9.94 -0.92
CA VAL B 511 -8.21 8.87 -1.86
C VAL B 511 -9.61 9.04 -2.42
N ALA B 512 -9.75 8.84 -3.73
CA ALA B 512 -11.04 8.97 -4.39
C ALA B 512 -11.95 7.80 -4.02
N GLU B 513 -13.24 8.00 -4.22
CA GLU B 513 -14.22 6.97 -3.88
C GLU B 513 -14.09 5.77 -4.80
N GLY B 514 -13.94 4.59 -4.20
CA GLY B 514 -13.85 3.36 -4.96
C GLY B 514 -12.54 3.12 -5.67
N ALA B 515 -11.53 3.97 -5.43
CA ALA B 515 -10.22 3.82 -6.08
C ALA B 515 -9.28 3.00 -5.19
N LEU B 516 -9.73 1.78 -4.87
CA LEU B 516 -8.98 0.84 -4.05
C LEU B 516 -8.94 -0.50 -4.77
N PHE B 517 -7.76 -0.92 -5.19
CA PHE B 517 -7.59 -2.17 -5.91
C PHE B 517 -6.19 -2.70 -5.65
N ASN B 518 -6.01 -4.00 -5.89
CA ASN B 518 -4.74 -4.67 -5.63
C ASN B 518 -4.46 -5.66 -6.75
N MET B 519 -3.17 -5.95 -6.93
CA MET B 519 -2.70 -6.93 -7.90
C MET B 519 -1.72 -7.88 -7.23
N GLU B 520 -1.70 -9.12 -7.72
CA GLU B 520 -0.86 -10.16 -7.15
C GLU B 520 0.45 -10.23 -7.92
N VAL B 521 1.57 -10.25 -7.19
CA VAL B 521 2.90 -10.12 -7.77
C VAL B 521 3.77 -11.26 -7.26
N ALA B 522 4.61 -11.79 -8.14
CA ALA B 522 5.52 -12.87 -7.81
C ALA B 522 6.72 -12.35 -7.03
N PRO B 523 7.44 -13.21 -6.32
CA PRO B 523 8.63 -12.76 -5.57
C PRO B 523 9.82 -12.61 -6.51
N GLU B 524 10.96 -12.23 -5.92
CA GLU B 524 12.19 -11.95 -6.64
C GLU B 524 13.27 -12.93 -6.21
N GLY B 525 14.18 -13.23 -7.14
CA GLY B 525 15.30 -14.12 -6.87
C GLY B 525 15.01 -15.55 -7.29
N ILE B 526 14.52 -15.73 -8.51
CA ILE B 526 14.12 -17.02 -9.05
C ILE B 526 14.92 -17.28 -10.31
N VAL B 527 15.37 -18.52 -10.48
CA VAL B 527 16.17 -18.93 -11.63
C VAL B 527 15.28 -19.68 -12.62
N PHE B 528 15.42 -19.32 -13.90
CA PHE B 528 14.63 -19.89 -14.99
C PHE B 528 15.57 -20.44 -16.06
N PRO B 529 15.58 -21.75 -16.35
CA PRO B 529 16.38 -22.22 -17.48
C PRO B 529 15.87 -21.67 -18.80
N PHE B 530 16.79 -21.48 -19.74
CA PHE B 530 16.48 -20.85 -21.01
C PHE B 530 17.33 -21.46 -22.10
N GLN B 531 16.72 -21.72 -23.25
CA GLN B 531 17.41 -22.34 -24.38
C GLN B 531 16.86 -21.76 -25.68
N LEU B 532 17.77 -21.31 -26.53
CA LEU B 532 17.43 -20.71 -27.82
C LEU B 532 18.01 -21.59 -28.92
N ARG B 533 17.21 -21.84 -29.96
CA ARG B 533 17.61 -22.69 -31.08
C ARG B 533 17.29 -21.96 -32.37
N TYR B 534 18.30 -21.31 -32.94
CA TYR B 534 18.17 -20.56 -34.18
C TYR B 534 18.72 -21.40 -35.33
N ARG B 535 17.87 -21.71 -36.31
CA ARG B 535 18.25 -22.51 -37.48
C ARG B 535 18.40 -21.55 -38.66
N GLY B 536 19.57 -20.94 -38.75
CA GLY B 536 19.85 -19.94 -39.77
C GLY B 536 20.35 -20.56 -41.07
N SER B 537 20.67 -19.67 -42.01
CA SER B 537 21.20 -20.03 -43.32
C SER B 537 22.42 -19.20 -43.68
N GLU B 538 23.16 -18.73 -42.68
CA GLU B 538 24.35 -17.91 -42.85
C GLU B 538 25.45 -18.44 -41.94
N ASP B 539 26.62 -17.82 -42.02
CA ASP B 539 27.77 -18.22 -41.23
C ASP B 539 27.70 -17.56 -39.85
N GLY B 540 27.54 -18.37 -38.81
CA GLY B 540 27.47 -17.86 -37.46
C GLY B 540 26.14 -17.18 -37.18
N LEU B 541 26.03 -16.67 -35.95
CA LEU B 541 24.84 -15.96 -35.55
C LEU B 541 24.82 -14.58 -36.23
N PRO B 542 23.64 -13.97 -36.38
CA PRO B 542 23.58 -12.63 -36.96
C PRO B 542 23.99 -11.55 -35.95
N ASP B 543 24.46 -10.44 -36.50
CA ASP B 543 24.94 -9.34 -35.66
C ASP B 543 23.81 -8.77 -34.81
N ALA B 544 22.60 -8.72 -35.34
CA ALA B 544 21.47 -8.20 -34.58
C ALA B 544 21.21 -9.06 -33.35
N LEU B 545 21.17 -10.39 -33.53
CA LEU B 545 20.93 -11.27 -32.40
C LEU B 545 22.10 -11.23 -31.42
N LYS B 546 23.33 -11.08 -31.93
CA LYS B 546 24.49 -10.95 -31.04
C LYS B 546 24.36 -9.72 -30.17
N THR B 547 23.97 -8.58 -30.76
CA THR B 547 23.82 -7.36 -29.98
C THR B 547 22.67 -7.48 -28.99
N VAL B 548 21.57 -8.12 -29.39
CA VAL B 548 20.44 -8.29 -28.48
C VAL B 548 20.84 -9.15 -27.29
N LEU B 549 21.57 -10.24 -27.53
CA LEU B 549 22.01 -11.09 -26.43
C LEU B 549 23.02 -10.37 -25.55
N LYS B 550 23.88 -9.53 -26.14
CA LYS B 550 24.80 -8.73 -25.33
C LYS B 550 24.02 -7.77 -24.43
N TRP B 551 22.98 -7.13 -24.96
CA TRP B 551 22.13 -6.27 -24.14
C TRP B 551 21.49 -7.06 -23.01
N TRP B 552 20.99 -8.26 -23.32
CA TRP B 552 20.35 -9.09 -22.30
C TRP B 552 21.34 -9.47 -21.21
N ALA B 553 22.56 -9.86 -21.59
CA ALA B 553 23.58 -10.21 -20.61
C ALA B 553 23.98 -9.00 -19.77
N GLU B 554 24.00 -7.81 -20.37
CA GLU B 554 24.28 -6.60 -19.59
C GLU B 554 23.18 -6.34 -18.56
N GLY B 555 21.96 -6.79 -18.84
CA GLY B 555 20.84 -6.62 -17.92
C GLY B 555 19.83 -5.60 -18.41
N GLN B 556 19.63 -5.55 -19.73
CA GLN B 556 18.67 -4.63 -20.34
C GLN B 556 17.40 -5.33 -20.80
N ALA B 557 17.14 -6.55 -20.30
CA ALA B 557 16.05 -7.39 -20.79
C ALA B 557 14.84 -7.21 -19.88
N PHE B 558 14.06 -6.17 -20.16
CA PHE B 558 12.81 -5.91 -19.46
C PHE B 558 11.74 -6.81 -20.08
N MET B 559 11.55 -7.99 -19.48
CA MET B 559 10.71 -9.01 -20.09
C MET B 559 9.25 -8.92 -19.65
N SER B 560 9.00 -9.03 -18.35
CA SER B 560 7.64 -9.16 -17.87
C SER B 560 6.87 -7.85 -18.06
N GLY B 561 5.57 -7.91 -17.73
CA GLY B 561 4.70 -6.75 -17.86
C GLY B 561 4.86 -5.79 -16.72
N ALA B 562 4.04 -4.73 -16.77
CA ALA B 562 4.09 -3.64 -15.79
C ALA B 562 5.49 -3.01 -15.75
N ALA B 563 6.13 -2.93 -16.91
CA ALA B 563 7.47 -2.35 -16.98
C ALA B 563 7.45 -0.89 -16.61
N SER B 564 6.36 -0.18 -16.91
CA SER B 564 6.25 1.22 -16.50
C SER B 564 6.25 1.33 -14.98
N THR B 565 5.54 0.43 -14.30
CA THR B 565 5.59 0.41 -12.84
C THR B 565 6.98 0.06 -12.34
N GLY B 566 7.64 -0.90 -13.00
CA GLY B 566 9.00 -1.30 -12.66
C GLY B 566 9.20 -2.80 -12.61
N LYS B 567 8.12 -3.57 -12.60
CA LYS B 567 8.23 -5.01 -12.48
C LYS B 567 8.87 -5.61 -13.72
N GLY B 568 9.76 -6.59 -13.49
CA GLY B 568 10.33 -7.37 -14.58
C GLY B 568 11.69 -6.89 -15.03
N ARG B 569 12.74 -7.61 -14.65
CA ARG B 569 14.09 -7.31 -15.13
C ARG B 569 14.92 -8.58 -14.95
N PHE B 570 15.26 -9.24 -16.06
CA PHE B 570 15.99 -10.50 -16.05
C PHE B 570 17.38 -10.27 -16.62
N ARG B 571 18.40 -10.71 -15.87
CA ARG B 571 19.80 -10.60 -16.28
C ARG B 571 20.31 -11.99 -16.61
N MET B 572 20.82 -12.17 -17.82
CA MET B 572 21.31 -13.47 -18.28
C MET B 572 22.65 -13.74 -17.61
N GLU B 573 22.64 -14.62 -16.62
CA GLU B 573 23.84 -14.98 -15.87
C GLU B 573 24.39 -16.31 -16.36
N ASN B 574 25.71 -16.39 -16.43
CA ASN B 574 26.41 -17.61 -16.86
C ASN B 574 26.03 -17.98 -18.29
N ALA B 575 26.07 -16.98 -19.18
CA ALA B 575 25.87 -17.23 -20.59
C ALA B 575 26.94 -18.18 -21.10
N LYS B 576 26.52 -19.22 -21.83
CA LYS B 576 27.44 -20.28 -22.24
C LYS B 576 26.85 -20.95 -23.47
N TYR B 577 27.45 -20.67 -24.63
CA TYR B 577 26.89 -21.02 -25.93
C TYR B 577 27.79 -22.01 -26.65
N GLU B 578 27.30 -22.51 -27.79
CA GLU B 578 28.11 -23.34 -28.67
C GLU B 578 27.45 -23.34 -30.05
N THR B 579 28.11 -22.71 -31.03
CA THR B 579 27.67 -22.82 -32.41
C THR B 579 27.84 -24.26 -32.86
N LEU B 580 26.73 -24.94 -33.12
CA LEU B 580 26.75 -26.40 -33.25
C LEU B 580 27.52 -26.84 -34.49
N ASP B 581 27.02 -26.55 -35.68
CA ASP B 581 27.62 -27.04 -36.92
C ASP B 581 26.91 -26.38 -38.09
N LEU B 582 27.25 -26.83 -39.30
CA LEU B 582 26.57 -26.43 -40.53
C LEU B 582 25.92 -27.67 -41.14
N SER B 583 25.39 -27.54 -42.36
CA SER B 583 24.72 -28.64 -43.04
C SER B 583 25.74 -29.66 -43.56
N ASP B 584 26.37 -30.36 -42.62
CA ASP B 584 27.31 -31.42 -42.94
C ASP B 584 26.55 -32.75 -43.05
N GLU B 585 27.28 -33.86 -43.10
CA GLU B 585 26.66 -35.17 -43.25
C GLU B 585 27.06 -36.14 -42.13
N ASN B 586 27.89 -35.70 -41.20
CA ASN B 586 28.30 -36.56 -40.08
C ASN B 586 27.78 -36.05 -38.75
N GLN B 587 28.15 -34.82 -38.35
CA GLN B 587 27.66 -34.30 -37.08
C GLN B 587 26.17 -33.96 -37.17
N ARG B 588 25.71 -33.45 -38.31
CA ARG B 588 24.28 -33.26 -38.51
C ARG B 588 23.55 -34.59 -38.48
N ASN B 589 24.13 -35.63 -39.07
CA ASN B 589 23.51 -36.94 -39.04
C ASN B 589 23.39 -37.46 -37.61
N ASP B 590 24.45 -37.29 -36.82
CA ASP B 590 24.38 -37.71 -35.42
C ASP B 590 23.35 -36.89 -34.64
N TYR B 591 23.29 -35.59 -34.91
CA TYR B 591 22.30 -34.73 -34.26
C TYR B 591 20.88 -35.20 -34.58
N LEU B 592 20.64 -35.55 -35.84
CA LEU B 592 19.34 -36.09 -36.23
C LEU B 592 19.10 -37.44 -35.58
N LYS B 593 20.14 -38.26 -35.45
CA LYS B 593 19.99 -39.61 -34.89
C LYS B 593 19.56 -39.54 -33.42
N ASN B 594 20.20 -38.68 -32.63
CA ASN B 594 19.97 -38.64 -31.19
C ASN B 594 18.89 -37.67 -30.78
N TRP B 595 17.89 -37.43 -31.63
CA TRP B 595 16.72 -36.60 -31.32
C TRP B 595 17.09 -35.13 -31.06
N GLY B 596 18.29 -34.71 -31.44
CA GLY B 596 18.68 -33.32 -31.30
C GLY B 596 19.02 -32.87 -29.89
N TRP B 597 19.12 -33.80 -28.94
CA TRP B 597 19.49 -33.48 -27.56
C TRP B 597 18.54 -32.48 -26.92
N ARG B 598 17.26 -32.49 -27.31
CA ARG B 598 16.30 -31.51 -26.81
C ARG B 598 15.60 -31.94 -25.52
N ASP B 599 15.77 -33.19 -25.08
CA ASP B 599 15.18 -33.65 -23.82
C ASP B 599 16.09 -33.27 -22.66
N GLU B 600 15.76 -33.73 -21.45
CA GLU B 600 16.53 -33.35 -20.27
C GLU B 600 17.95 -33.90 -20.32
N LYS B 601 18.08 -35.21 -20.58
CA LYS B 601 19.41 -35.81 -20.70
C LYS B 601 20.17 -35.20 -21.89
N GLY B 602 19.46 -34.92 -22.98
CA GLY B 602 20.09 -34.24 -24.09
C GLY B 602 20.67 -32.90 -23.69
N LEU B 603 19.91 -32.14 -22.90
CA LEU B 603 20.41 -30.87 -22.40
C LEU B 603 21.62 -31.07 -21.51
N GLU B 604 21.63 -32.15 -20.72
CA GLU B 604 22.77 -32.39 -19.83
C GLU B 604 24.04 -32.69 -20.63
N GLU B 605 23.96 -33.61 -21.60
CA GLU B 605 25.11 -33.92 -22.42
C GLU B 605 25.42 -32.84 -23.47
N LEU B 606 24.56 -31.82 -23.64
CA LEU B 606 25.01 -30.61 -24.31
C LEU B 606 25.77 -29.69 -23.37
N LYS B 607 25.23 -29.46 -22.17
CA LYS B 607 25.86 -28.56 -21.23
C LYS B 607 27.25 -29.04 -20.83
N LYS B 608 27.47 -30.36 -20.85
CA LYS B 608 28.80 -30.87 -20.55
C LYS B 608 29.84 -30.48 -21.61
N ARG B 609 29.41 -30.10 -22.81
CA ARG B 609 30.31 -29.75 -23.90
C ARG B 609 30.18 -28.31 -24.37
N LEU B 610 29.23 -27.54 -23.84
CA LEU B 610 29.17 -26.12 -24.18
C LEU B 610 30.43 -25.41 -23.70
N ASN B 611 30.75 -24.31 -24.36
CA ASN B 611 31.91 -23.49 -24.04
C ASN B 611 31.46 -22.13 -23.52
N SER B 612 32.13 -21.64 -22.49
CA SER B 612 31.75 -20.38 -21.86
C SER B 612 32.02 -19.22 -22.81
N GLY B 613 31.68 -18.02 -22.35
CA GLY B 613 31.83 -16.82 -23.16
C GLY B 613 30.65 -16.59 -24.07
N LEU B 614 30.77 -15.54 -24.87
CA LEU B 614 29.73 -15.13 -25.82
C LEU B 614 30.41 -14.49 -27.01
N PRO B 615 29.86 -14.62 -28.22
CA PRO B 615 30.50 -13.94 -29.37
C PRO B 615 30.45 -12.43 -29.23
N GLU B 616 31.47 -11.78 -29.78
CA GLU B 616 31.52 -10.33 -29.77
C GLU B 616 30.61 -9.77 -30.86
N PRO B 617 30.09 -8.54 -30.70
CA PRO B 617 29.29 -7.95 -31.78
C PRO B 617 30.14 -7.67 -33.01
N GLY B 618 29.56 -7.94 -34.19
CA GLY B 618 30.18 -7.51 -35.43
C GLY B 618 29.97 -6.03 -35.68
N ASN B 619 28.86 -5.47 -35.22
CA ASN B 619 28.59 -4.04 -35.33
C ASN B 619 27.72 -3.67 -34.14
N TYR B 620 28.34 -3.15 -33.08
CA TYR B 620 27.64 -2.91 -31.83
C TYR B 620 26.84 -1.62 -31.88
N ARG B 621 25.64 -1.66 -31.28
CA ARG B 621 24.78 -0.49 -31.13
C ARG B 621 24.40 -0.37 -29.66
N ASP B 622 24.40 0.85 -29.15
CA ASP B 622 24.14 1.06 -27.74
C ASP B 622 22.66 0.79 -27.43
N PRO B 623 22.33 0.40 -26.20
CA PRO B 623 20.91 0.27 -25.85
C PRO B 623 20.22 1.62 -25.78
N LYS B 624 18.89 1.57 -25.89
CA LYS B 624 18.05 2.76 -25.82
C LYS B 624 17.46 2.96 -24.43
N TRP B 625 18.20 2.58 -23.39
CA TRP B 625 17.73 2.74 -22.01
C TRP B 625 18.95 3.05 -21.14
N HIS B 626 19.06 4.28 -20.68
CA HIS B 626 20.19 4.73 -19.89
C HIS B 626 19.85 4.68 -18.41
N GLU B 627 20.74 4.11 -17.61
CA GLU B 627 20.53 3.91 -16.19
C GLU B 627 20.94 5.14 -15.40
N ILE B 628 20.12 5.51 -14.43
CA ILE B 628 20.37 6.67 -13.56
C ILE B 628 20.33 6.20 -12.11
N ASN B 629 21.34 6.57 -11.35
CA ASN B 629 21.43 6.24 -9.93
C ASN B 629 20.86 7.36 -9.08
N VAL B 630 20.31 7.00 -7.93
CA VAL B 630 19.72 7.93 -6.98
C VAL B 630 20.17 7.55 -5.58
N SER B 631 20.45 8.56 -4.75
CA SER B 631 20.87 8.37 -3.37
C SER B 631 20.11 9.37 -2.50
N ILE B 632 18.96 8.94 -1.97
CA ILE B 632 18.11 9.77 -1.14
C ILE B 632 18.53 9.61 0.30
N GLU B 633 18.72 10.74 1.00
CA GLU B 633 19.12 10.77 2.40
C GLU B 633 17.97 11.32 3.23
N MET B 634 17.54 10.56 4.22
CA MET B 634 16.44 10.93 5.11
C MET B 634 16.96 11.10 6.52
N ALA B 635 16.49 12.14 7.20
CA ALA B 635 16.88 12.47 8.56
C ALA B 635 15.67 12.48 9.48
N SER B 636 14.79 11.49 9.34
CA SER B 636 13.62 11.37 10.18
C SER B 636 12.98 10.00 9.98
N PRO B 637 12.07 9.57 10.85
CA PRO B 637 11.44 8.26 10.67
C PRO B 637 10.64 8.21 9.37
N PHE B 638 10.62 7.02 8.78
CA PHE B 638 9.95 6.74 7.51
C PHE B 638 8.87 5.71 7.72
N ILE B 639 7.69 5.96 7.15
CA ILE B 639 6.53 5.09 7.31
C ILE B 639 5.82 4.95 5.96
N ASN B 640 5.44 3.72 5.63
CA ASN B 640 4.62 3.44 4.46
C ASN B 640 3.53 2.46 4.87
N GLY B 641 2.27 2.83 4.63
CA GLY B 641 1.17 2.07 5.19
C GLY B 641 1.00 0.71 4.55
N ASP B 642 0.39 -0.20 5.32
CA ASP B 642 0.03 -1.53 4.87
C ASP B 642 -1.03 -2.10 5.80
N PRO B 643 -2.28 -1.65 5.70
CA PRO B 643 -3.29 -2.07 6.69
C PRO B 643 -3.54 -3.57 6.73
N ILE B 644 -3.46 -4.27 5.59
CA ILE B 644 -3.77 -5.70 5.59
C ILE B 644 -2.71 -6.47 6.36
N ARG B 645 -1.44 -6.06 6.24
CA ARG B 645 -0.36 -6.72 6.96
C ARG B 645 -0.39 -6.46 8.46
N ALA B 646 -1.15 -5.46 8.91
CA ALA B 646 -1.24 -5.15 10.33
C ALA B 646 -2.15 -6.12 11.10
N ALA B 647 -2.94 -6.94 10.40
CA ALA B 647 -3.87 -7.86 11.03
C ALA B 647 -3.29 -9.25 11.26
N VAL B 648 -2.00 -9.46 10.94
CA VAL B 648 -1.35 -10.76 11.12
C VAL B 648 -0.06 -10.67 11.89
N ASP B 649 0.53 -9.49 12.07
CA ASP B 649 1.79 -9.38 12.80
C ASP B 649 1.60 -9.78 14.26
N LYS B 650 2.69 -10.24 14.87
CA LYS B 650 2.62 -10.69 16.26
C LYS B 650 2.21 -9.57 17.20
N ARG B 651 2.78 -8.37 17.01
CA ARG B 651 2.36 -7.21 17.76
C ARG B 651 1.08 -6.63 17.16
N GLY B 652 0.18 -6.20 18.04
CA GLY B 652 -1.10 -5.66 17.59
C GLY B 652 -1.03 -4.20 17.21
N THR B 653 -0.13 -3.84 16.30
CA THR B 653 0.04 -2.47 15.86
C THR B 653 -0.95 -2.15 14.75
N ALA B 654 -1.52 -0.95 14.79
CA ALA B 654 -2.50 -0.56 13.79
C ALA B 654 -1.84 -0.33 12.44
N VAL B 655 -0.72 0.40 12.42
CA VAL B 655 -0.02 0.78 11.20
C VAL B 655 1.40 0.23 11.28
N VAL B 656 1.84 -0.43 10.21
CA VAL B 656 3.18 -1.01 10.13
C VAL B 656 3.79 -0.63 8.80
N THR B 657 5.12 -0.60 8.75
CA THR B 657 5.83 -0.23 7.54
C THR B 657 5.75 -1.35 6.50
N PHE B 658 5.89 -0.95 5.23
CA PHE B 658 5.84 -1.91 4.15
C PHE B 658 7.07 -2.82 4.19
N VAL B 659 6.84 -4.11 3.88
CA VAL B 659 7.90 -5.11 3.88
C VAL B 659 7.71 -6.01 2.67
N LYS B 660 8.81 -6.33 2.00
CA LYS B 660 8.82 -7.20 0.83
C LYS B 660 9.64 -8.45 1.11
N TYR B 661 9.25 -9.55 0.49
CA TYR B 661 9.89 -10.84 0.67
C TYR B 661 10.58 -11.26 -0.62
N LYS B 662 11.82 -11.75 -0.48
CA LYS B 662 12.60 -12.27 -1.59
C LYS B 662 12.68 -13.80 -1.47
N ALA B 663 13.44 -14.41 -2.39
CA ALA B 663 13.61 -15.85 -2.46
C ALA B 663 15.07 -16.16 -2.14
N GLU B 664 15.38 -16.28 -0.86
CA GLU B 664 16.73 -16.60 -0.40
C GLU B 664 16.87 -18.10 -0.15
N GLY B 665 16.61 -18.88 -1.20
CA GLY B 665 16.68 -20.32 -1.09
C GLY B 665 15.54 -20.91 -0.30
N GLU B 666 14.33 -20.81 -0.85
CA GLU B 666 13.11 -21.30 -0.20
C GLU B 666 12.94 -20.64 1.18
N GLU B 667 13.23 -19.34 1.25
CA GLU B 667 13.09 -18.58 2.47
C GLU B 667 12.58 -17.18 2.12
N ALA B 668 11.84 -16.59 3.05
CA ALA B 668 11.22 -15.27 2.89
C ALA B 668 11.71 -14.37 4.00
N LYS B 669 12.86 -13.73 3.79
CA LYS B 669 13.39 -12.79 4.77
C LYS B 669 12.63 -11.47 4.67
N PRO B 670 12.25 -10.85 5.82
CA PRO B 670 11.59 -9.54 5.72
C PRO B 670 12.56 -8.44 5.32
N VAL B 671 12.35 -7.86 4.15
CA VAL B 671 13.20 -6.80 3.61
C VAL B 671 12.36 -5.52 3.52
N CYS B 672 12.85 -4.45 4.13
CA CYS B 672 12.16 -3.17 4.13
C CYS B 672 12.48 -2.40 2.86
N ALA B 673 11.46 -1.80 2.26
CA ALA B 673 11.61 -1.09 1.00
C ALA B 673 10.55 -0.01 0.90
N TYR B 674 10.64 0.79 -0.16
CA TYR B 674 9.71 1.87 -0.45
C TYR B 674 9.07 1.64 -1.80
N LYS B 675 7.76 1.85 -1.89
CA LYS B 675 7.00 1.44 -3.07
C LYS B 675 7.36 2.30 -4.27
N ALA B 676 7.73 1.63 -5.36
CA ALA B 676 8.01 2.32 -6.61
C ALA B 676 6.78 3.07 -7.11
N GLU B 677 5.58 2.53 -6.87
CA GLU B 677 4.37 3.24 -7.25
C GLU B 677 4.24 4.56 -6.50
N SER B 678 4.53 4.55 -5.19
CA SER B 678 4.47 5.80 -4.42
C SER B 678 5.51 6.80 -4.92
N PHE B 679 6.73 6.33 -5.20
CA PHE B 679 7.77 7.22 -5.68
C PHE B 679 7.37 7.83 -7.03
N ARG B 680 6.83 7.01 -7.93
CA ARG B 680 6.39 7.50 -9.23
C ARG B 680 5.27 8.51 -9.08
N GLY B 681 4.33 8.25 -8.17
CA GLY B 681 3.25 9.20 -7.95
C GLY B 681 3.74 10.53 -7.43
N VAL B 682 4.71 10.50 -6.50
CA VAL B 682 5.25 11.75 -5.96
C VAL B 682 5.94 12.54 -7.07
N ILE B 683 6.74 11.86 -7.90
CA ILE B 683 7.44 12.55 -8.98
C ILE B 683 6.43 13.11 -9.99
N ARG B 684 5.39 12.33 -10.30
CA ARG B 684 4.37 12.77 -11.25
C ARG B 684 3.67 14.02 -10.75
N SER B 685 3.28 14.03 -9.47
CA SER B 685 2.62 15.22 -8.93
C SER B 685 3.57 16.41 -8.92
N ALA B 686 4.85 16.17 -8.60
CA ALA B 686 5.81 17.27 -8.55
C ALA B 686 5.99 17.91 -9.92
N VAL B 687 6.12 17.09 -10.97
CA VAL B 687 6.28 17.67 -12.30
C VAL B 687 4.97 18.29 -12.79
N ALA B 688 3.82 17.72 -12.40
CA ALA B 688 2.54 18.26 -12.84
C ALA B 688 2.27 19.64 -12.26
N ARG B 689 2.57 19.82 -10.97
CA ARG B 689 2.18 21.05 -10.29
C ARG B 689 2.89 22.29 -10.82
N ILE B 690 4.09 22.14 -11.38
CA ILE B 690 4.90 23.30 -11.75
C ILE B 690 4.58 23.81 -13.15
N HIS B 691 4.22 22.93 -14.07
CA HIS B 691 4.04 23.33 -15.47
C HIS B 691 2.71 24.05 -15.68
N MET B 692 2.65 24.81 -16.76
CA MET B 692 1.49 25.61 -17.12
C MET B 692 1.28 25.44 -18.62
N GLU B 693 0.18 24.79 -19.01
CA GLU B 693 -0.03 24.48 -20.43
C GLU B 693 -0.58 25.68 -21.17
N ASP B 694 -1.77 26.14 -20.79
CA ASP B 694 -2.41 27.32 -21.39
C ASP B 694 -3.21 28.08 -20.34
N GLY B 695 -2.63 28.23 -19.15
CA GLY B 695 -3.28 28.88 -18.03
C GLY B 695 -4.02 27.93 -17.11
N VAL B 696 -4.27 26.70 -17.53
CA VAL B 696 -4.90 25.69 -16.68
C VAL B 696 -3.84 25.05 -15.79
N PRO B 697 -4.19 24.52 -14.61
CA PRO B 697 -3.17 23.89 -13.77
C PRO B 697 -2.49 22.67 -14.38
N LEU B 698 -3.09 22.05 -15.40
CA LEU B 698 -2.70 20.80 -16.06
C LEU B 698 -3.09 19.58 -15.23
N THR B 699 -3.56 19.73 -14.00
CA THR B 699 -4.07 18.60 -13.21
C THR B 699 -5.55 18.36 -13.44
N GLU B 700 -6.33 19.42 -13.61
CA GLU B 700 -7.77 19.28 -13.82
C GLU B 700 -8.14 18.85 -15.23
N LEU B 701 -7.19 18.86 -16.17
CA LEU B 701 -7.50 18.49 -17.54
C LEU B 701 -7.90 17.02 -17.62
N THR B 702 -8.88 16.72 -18.47
CA THR B 702 -9.31 15.33 -18.66
C THR B 702 -8.28 14.50 -19.41
N HIS B 703 -7.32 15.15 -20.08
CA HIS B 703 -6.29 14.46 -20.86
C HIS B 703 -6.92 13.56 -21.92
N SER B 704 -7.10 12.27 -21.62
CA SER B 704 -7.61 11.31 -22.60
C SER B 704 -6.70 11.28 -23.84
N ASP B 705 -7.04 12.04 -24.88
CA ASP B 705 -6.27 12.09 -26.12
C ASP B 705 -5.78 13.52 -26.31
N CYS B 706 -4.47 13.70 -26.24
CA CYS B 706 -3.86 15.03 -26.24
C CYS B 706 -2.35 14.85 -26.35
N GLU B 707 -1.64 15.98 -26.31
CA GLU B 707 -0.19 16.00 -26.48
C GLU B 707 0.47 16.93 -25.46
N CYS B 708 0.05 16.84 -24.20
CA CYS B 708 0.70 17.61 -23.16
C CYS B 708 2.11 17.08 -22.90
N LEU B 709 2.94 17.93 -22.30
CA LEU B 709 4.30 17.51 -21.95
C LEU B 709 4.27 16.36 -20.94
N LEU B 710 3.41 16.45 -19.93
CA LEU B 710 3.31 15.40 -18.94
C LEU B 710 2.88 14.08 -19.57
N CYS B 711 1.88 14.12 -20.45
CA CYS B 711 1.45 12.91 -21.13
C CYS B 711 2.57 12.36 -22.00
N GLN B 712 3.28 13.25 -22.71
CA GLN B 712 4.36 12.80 -23.58
C GLN B 712 5.46 12.09 -22.79
N ILE B 713 5.80 12.62 -21.61
CA ILE B 713 6.90 12.05 -20.84
C ILE B 713 6.45 10.77 -20.14
N PHE B 714 5.36 10.84 -19.37
CA PHE B 714 5.02 9.73 -18.48
C PHE B 714 4.15 8.68 -19.15
N GLY B 715 3.25 9.07 -20.05
CA GLY B 715 2.33 8.17 -20.70
C GLY B 715 0.90 8.39 -20.21
N SER B 716 -0.04 7.93 -21.04
CA SER B 716 -1.46 8.05 -20.75
C SER B 716 -2.13 6.76 -21.20
N GLU B 717 -3.47 6.77 -21.26
CA GLU B 717 -4.21 5.57 -21.61
C GLU B 717 -3.95 5.12 -23.05
N TYR B 718 -3.51 6.04 -23.92
CA TYR B 718 -3.30 5.73 -25.34
C TYR B 718 -1.85 5.93 -25.75
N GLU B 719 -0.90 5.83 -24.82
CA GLU B 719 0.51 5.94 -25.16
C GLU B 719 1.35 5.42 -24.01
N ALA B 720 2.37 4.63 -24.35
CA ALA B 720 3.25 4.06 -23.34
C ALA B 720 4.21 5.13 -22.82
N GLY B 721 4.71 4.89 -21.60
CA GLY B 721 5.64 5.82 -20.98
C GLY B 721 7.08 5.61 -21.43
N LYS B 722 7.89 6.62 -21.13
CA LYS B 722 9.32 6.61 -21.44
C LYS B 722 10.19 6.50 -20.20
N ILE B 723 9.61 6.44 -19.00
CA ILE B 723 10.34 6.40 -17.74
C ILE B 723 9.87 5.20 -16.94
N ARG B 724 10.82 4.47 -16.37
CA ARG B 724 10.53 3.28 -15.56
C ARG B 724 11.24 3.43 -14.22
N PHE B 725 10.50 3.18 -13.13
CA PHE B 725 11.01 3.31 -11.78
C PHE B 725 11.27 1.93 -11.17
N GLU B 726 11.88 1.94 -9.98
CA GLU B 726 12.22 0.71 -9.28
C GLU B 726 12.09 0.93 -7.78
N ASP B 727 11.97 -0.17 -7.06
CA ASP B 727 11.86 -0.10 -5.60
C ASP B 727 13.16 0.39 -4.99
N LEU B 728 13.03 1.17 -3.91
CA LEU B 728 14.17 1.73 -3.19
C LEU B 728 14.34 0.98 -1.87
N VAL B 729 15.58 0.58 -1.58
CA VAL B 729 15.91 -0.19 -0.38
C VAL B 729 16.87 0.64 0.47
N PHE B 730 17.04 0.21 1.72
CA PHE B 730 17.84 0.92 2.71
C PHE B 730 19.23 0.31 2.80
N GLU B 731 20.24 1.17 2.91
CA GLU B 731 21.63 0.74 3.04
C GLU B 731 22.01 0.59 4.51
N SER B 732 21.24 -0.23 5.20
CA SER B 732 21.46 -0.53 6.62
C SER B 732 20.58 -1.72 6.96
N ASP B 733 20.48 -2.03 8.26
CA ASP B 733 19.61 -3.10 8.77
C ASP B 733 18.79 -2.54 9.94
N PRO B 734 17.92 -1.58 9.68
CA PRO B 734 17.12 -1.00 10.77
C PRO B 734 16.03 -1.94 11.25
N GLU B 735 15.57 -1.69 12.47
CA GLU B 735 14.48 -2.43 13.08
C GLU B 735 13.42 -1.44 13.57
N PRO B 736 12.13 -1.78 13.47
CA PRO B 736 11.09 -0.79 13.77
C PRO B 736 11.02 -0.45 15.25
N VAL B 737 10.53 0.74 15.54
CA VAL B 737 10.30 1.24 16.90
C VAL B 737 8.85 1.67 17.00
N THR B 738 8.23 1.40 18.15
CA THR B 738 6.80 1.61 18.33
C THR B 738 6.54 2.97 18.97
N PHE B 739 5.72 3.78 18.31
CA PHE B 739 5.17 5.01 18.87
C PHE B 739 3.66 4.89 18.88
N ASP B 740 3.02 5.55 19.85
CA ASP B 740 1.57 5.54 19.97
C ASP B 740 1.10 6.90 20.48
N HIS B 741 -0.05 7.34 19.95
CA HIS B 741 -0.61 8.64 20.25
C HIS B 741 -1.98 8.47 20.90
N VAL B 742 -2.44 9.54 21.54
CA VAL B 742 -3.75 9.58 22.18
C VAL B 742 -4.39 10.93 21.89
N ALA B 743 -5.64 10.93 21.47
CA ALA B 743 -6.37 12.16 21.24
C ALA B 743 -6.83 12.75 22.57
N ILE B 744 -7.01 14.08 22.58
CA ILE B 744 -7.45 14.80 23.76
C ILE B 744 -8.66 15.64 23.38
N ASP B 745 -9.73 15.51 24.16
CA ASP B 745 -10.88 16.39 24.01
C ASP B 745 -10.50 17.81 24.42
N ARG B 746 -11.01 18.79 23.67
CA ARG B 746 -10.63 20.18 23.89
C ARG B 746 -11.42 20.86 25.00
N PHE B 747 -12.39 20.18 25.61
CA PHE B 747 -13.18 20.73 26.71
C PHE B 747 -12.88 20.05 28.04
N THR B 748 -12.84 18.71 28.07
CA THR B 748 -12.56 18.00 29.31
C THR B 748 -11.07 18.07 29.67
N GLY B 749 -10.19 18.01 28.68
CA GLY B 749 -8.76 17.99 28.90
C GLY B 749 -8.16 16.61 29.03
N GLY B 750 -8.98 15.56 29.09
CA GLY B 750 -8.49 14.20 29.18
C GLY B 750 -8.53 13.48 27.85
N ALA B 751 -8.31 12.17 27.91
CA ALA B 751 -8.35 11.35 26.72
C ALA B 751 -9.78 11.26 26.17
N ALA B 752 -9.88 11.17 24.85
CA ALA B 752 -11.15 11.14 24.14
C ALA B 752 -11.59 9.73 23.76
N ASP B 753 -10.94 8.69 24.31
CA ASP B 753 -11.29 7.29 24.08
C ASP B 753 -11.11 6.99 22.59
N LYS B 754 -12.15 6.58 21.85
CA LYS B 754 -12.05 6.19 20.45
C LYS B 754 -11.10 5.00 20.38
N LYS B 755 -9.94 5.09 19.75
CA LYS B 755 -8.98 4.00 19.68
C LYS B 755 -7.58 4.57 19.78
N LYS B 756 -6.77 4.01 20.68
CA LYS B 756 -5.40 4.45 20.87
C LYS B 756 -4.56 3.91 19.71
N PHE B 757 -4.68 4.60 18.57
CA PHE B 757 -3.97 4.17 17.37
C PHE B 757 -2.46 4.28 17.59
N ASP B 758 -1.73 3.31 17.06
CA ASP B 758 -0.28 3.24 17.20
C ASP B 758 0.34 2.91 15.84
N ASP B 759 1.61 3.28 15.70
CA ASP B 759 2.35 3.09 14.46
C ASP B 759 3.77 2.68 14.77
N SER B 760 4.42 2.07 13.77
CA SER B 760 5.77 1.53 13.91
C SER B 760 6.65 2.06 12.77
N PRO B 761 6.93 3.36 12.77
CA PRO B 761 7.82 3.91 11.75
C PRO B 761 9.25 3.43 11.94
N LEU B 762 9.98 3.33 10.83
CA LEU B 762 11.36 2.91 10.90
C LEU B 762 12.20 3.98 11.58
N PRO B 763 13.29 3.61 12.25
CA PRO B 763 14.09 4.61 12.97
C PRO B 763 15.01 5.38 12.05
N GLY B 764 15.23 6.64 12.40
CA GLY B 764 16.12 7.51 11.66
C GLY B 764 16.37 8.80 12.38
N SER B 765 17.64 9.20 12.49
CA SER B 765 18.04 10.40 13.22
C SER B 765 19.17 11.07 12.47
N PRO B 766 19.45 12.35 12.76
CA PRO B 766 20.60 13.00 12.13
C PRO B 766 21.93 12.32 12.43
N ALA B 767 22.07 11.70 13.60
CA ALA B 767 23.32 11.02 13.94
C ALA B 767 23.57 9.84 13.01
N ARG B 768 22.53 9.08 12.70
CA ARG B 768 22.61 7.91 11.82
C ARG B 768 21.47 7.97 10.81
N PRO B 769 21.52 8.90 9.85
CA PRO B 769 20.41 9.04 8.91
C PRO B 769 20.24 7.81 8.03
N LEU B 770 18.99 7.55 7.67
CA LEU B 770 18.69 6.46 6.75
C LEU B 770 19.20 6.81 5.36
N MET B 771 19.92 5.88 4.74
CA MET B 771 20.49 6.05 3.40
C MET B 771 19.67 5.20 2.43
N LEU B 772 18.75 5.85 1.73
CA LEU B 772 17.93 5.18 0.74
C LEU B 772 18.60 5.26 -0.62
N LYS B 773 18.78 4.12 -1.27
CA LYS B 773 19.52 4.01 -2.52
C LYS B 773 18.74 3.19 -3.53
N GLY B 774 18.76 3.64 -4.77
CA GLY B 774 18.10 2.91 -5.85
C GLY B 774 18.34 3.63 -7.16
N SER B 775 17.89 3.00 -8.24
CA SER B 775 18.14 3.49 -9.59
C SER B 775 16.91 3.29 -10.46
N PHE B 776 16.61 4.29 -11.28
CA PHE B 776 15.55 4.24 -12.27
C PHE B 776 16.14 4.42 -13.66
N TRP B 777 15.32 4.20 -14.68
CA TRP B 777 15.75 4.16 -16.07
C TRP B 777 15.07 5.29 -16.86
N ILE B 778 15.79 5.79 -17.86
CA ILE B 778 15.32 6.88 -18.71
C ILE B 778 15.60 6.52 -20.16
N ARG B 779 14.66 6.85 -21.04
CA ARG B 779 14.88 6.65 -22.47
C ARG B 779 15.87 7.67 -23.01
N ARG B 780 16.71 7.24 -23.95
CA ARG B 780 17.76 8.11 -24.46
C ARG B 780 17.19 9.30 -25.22
N ASP B 781 16.08 9.11 -25.94
CA ASP B 781 15.47 10.22 -26.66
C ASP B 781 15.01 11.32 -25.71
N VAL B 782 14.41 10.93 -24.58
CA VAL B 782 13.96 11.90 -23.60
C VAL B 782 15.16 12.67 -23.04
N LEU B 783 16.23 11.96 -22.73
CA LEU B 783 17.43 12.62 -22.20
C LEU B 783 18.02 13.58 -23.23
N GLU B 784 18.06 13.18 -24.50
CA GLU B 784 18.61 14.04 -25.55
C GLU B 784 17.73 15.27 -25.77
N ASP B 785 16.42 15.14 -25.58
CA ASP B 785 15.53 16.27 -25.78
C ASP B 785 15.82 17.37 -24.76
N GLU B 786 15.45 18.60 -25.13
CA GLU B 786 15.76 19.78 -24.32
C GLU B 786 14.68 20.07 -23.29
N GLU B 787 13.43 20.27 -23.74
CA GLU B 787 12.36 20.64 -22.82
C GLU B 787 12.05 19.52 -21.84
N TYR B 788 12.16 18.26 -22.26
CA TYR B 788 11.90 17.15 -21.36
C TYR B 788 12.91 17.12 -20.22
N CYS B 789 14.21 17.24 -20.55
CA CYS B 789 15.22 17.26 -19.51
C CYS B 789 15.10 18.50 -18.64
N LYS B 790 14.66 19.62 -19.22
CA LYS B 790 14.40 20.80 -18.41
C LYS B 790 13.31 20.53 -17.38
N ALA B 791 12.22 19.89 -17.80
CA ALA B 791 11.15 19.56 -16.87
C ALA B 791 11.63 18.59 -15.79
N LEU B 792 12.40 17.58 -16.17
CA LEU B 792 12.91 16.62 -15.19
C LEU B 792 13.83 17.31 -14.19
N GLY B 793 14.70 18.20 -14.67
CA GLY B 793 15.55 18.94 -13.76
C GLY B 793 14.77 19.83 -12.80
N LYS B 794 13.73 20.49 -13.32
CA LYS B 794 12.89 21.32 -12.45
C LYS B 794 12.22 20.48 -11.37
N ALA B 795 11.68 19.31 -11.76
CA ALA B 795 11.03 18.45 -10.78
C ALA B 795 12.02 17.95 -9.74
N LEU B 796 13.22 17.53 -10.16
CA LEU B 796 14.21 17.05 -9.21
C LEU B 796 14.66 18.16 -8.27
N ALA B 797 14.81 19.39 -8.79
CA ALA B 797 15.17 20.51 -7.92
C ALA B 797 14.07 20.77 -6.90
N ASP B 798 12.81 20.73 -7.33
CA ASP B 798 11.70 20.93 -6.40
C ASP B 798 11.69 19.88 -5.32
N VAL B 799 11.93 18.61 -5.69
CA VAL B 799 11.99 17.55 -4.68
C VAL B 799 13.17 17.77 -3.74
N ASN B 800 14.30 18.23 -4.29
CA ASN B 800 15.48 18.45 -3.46
C ASN B 800 15.30 19.59 -2.48
N ASN B 801 14.44 20.56 -2.81
CA ASN B 801 14.19 21.70 -1.94
C ASN B 801 13.23 21.38 -0.78
N GLY B 802 12.92 20.12 -0.55
CA GLY B 802 12.07 19.75 0.58
C GLY B 802 10.65 20.25 0.48
N LEU B 803 10.04 20.13 -0.69
CA LEU B 803 8.64 20.48 -0.90
C LEU B 803 7.73 19.28 -1.12
N TYR B 804 8.29 18.10 -1.36
CA TYR B 804 7.52 16.88 -1.62
C TYR B 804 8.10 15.76 -0.76
N PRO B 805 7.81 15.75 0.55
CA PRO B 805 8.34 14.67 1.40
C PRO B 805 7.82 13.32 0.99
N LEU B 806 8.68 12.31 1.11
CA LEU B 806 8.35 10.94 0.75
C LEU B 806 7.68 10.23 1.92
N GLY B 807 7.04 9.11 1.62
CA GLY B 807 6.37 8.33 2.63
C GLY B 807 4.99 8.87 2.98
N GLY B 808 4.54 8.51 4.18
CA GLY B 808 3.24 8.90 4.67
C GLY B 808 3.34 9.59 6.02
N LYS B 809 2.21 10.13 6.47
CA LYS B 809 2.11 10.87 7.73
C LYS B 809 3.11 12.02 7.75
N SER B 810 3.24 12.72 6.62
CA SER B 810 4.16 13.84 6.54
C SER B 810 3.73 15.02 7.41
N ALA B 811 2.45 15.10 7.79
CA ALA B 811 1.97 16.20 8.59
C ALA B 811 2.46 16.16 10.03
N ILE B 812 2.92 15.00 10.51
CA ILE B 812 3.48 14.90 11.86
C ILE B 812 4.96 15.22 11.86
N GLY B 813 5.68 14.78 10.83
CA GLY B 813 7.12 14.99 10.73
C GLY B 813 7.89 13.86 10.10
N TYR B 814 7.23 12.73 9.86
CA TYR B 814 7.91 11.61 9.23
C TYR B 814 8.22 11.94 7.77
N GLY B 815 9.22 11.25 7.24
CA GLY B 815 9.53 11.32 5.82
C GLY B 815 10.07 12.66 5.35
N GLN B 816 10.93 13.30 6.13
CA GLN B 816 11.61 14.51 5.68
C GLN B 816 12.85 14.14 4.88
N VAL B 817 13.10 14.89 3.81
CA VAL B 817 14.19 14.62 2.87
C VAL B 817 15.23 15.72 2.99
N LYS B 818 16.50 15.33 2.98
CA LYS B 818 17.62 16.26 3.12
C LYS B 818 18.29 16.57 1.78
N SER B 819 18.57 15.55 0.97
CA SER B 819 19.29 15.74 -0.28
C SER B 819 18.90 14.65 -1.25
N LEU B 820 19.15 14.90 -2.54
CA LEU B 820 18.85 13.95 -3.61
C LEU B 820 19.93 14.09 -4.66
N GLY B 821 20.94 13.22 -4.59
CA GLY B 821 22.02 13.22 -5.56
C GLY B 821 21.70 12.38 -6.78
N ILE B 822 22.20 12.82 -7.93
CA ILE B 822 22.00 12.14 -9.20
C ILE B 822 23.37 11.88 -9.82
N LYS B 823 23.58 10.65 -10.27
CA LYS B 823 24.82 10.24 -10.91
C LYS B 823 24.50 9.35 -12.10
N GLY B 824 25.41 9.34 -13.07
CA GLY B 824 25.20 8.58 -14.28
C GLY B 824 24.39 9.28 -15.36
N ASP B 825 24.02 10.54 -15.15
CA ASP B 825 23.24 11.29 -16.13
C ASP B 825 24.10 12.07 -17.12
N ASP B 826 25.42 11.90 -17.08
CA ASP B 826 26.34 12.57 -18.01
C ASP B 826 26.25 14.09 -17.89
N LYS B 827 25.91 14.59 -16.70
CA LYS B 827 25.87 16.03 -16.43
C LYS B 827 24.88 16.74 -17.34
N ARG B 828 23.76 16.08 -17.64
CA ARG B 828 22.70 16.65 -18.46
C ARG B 828 21.49 17.08 -17.66
N ILE B 829 21.18 16.40 -16.56
CA ILE B 829 20.07 16.76 -15.69
C ILE B 829 20.55 17.47 -14.44
N SER B 830 21.68 17.03 -13.87
CA SER B 830 22.19 17.64 -12.64
C SER B 830 22.66 19.07 -12.85
N ARG B 831 22.93 19.47 -14.09
CA ARG B 831 23.36 20.84 -14.36
C ARG B 831 22.27 21.85 -13.97
N LEU B 832 21.02 21.53 -14.28
CA LEU B 832 19.93 22.45 -13.99
C LEU B 832 19.75 22.66 -12.49
N MET B 833 19.82 21.57 -11.72
CA MET B 833 19.63 21.66 -10.27
C MET B 833 20.94 22.02 -9.59
N ASN B 834 20.83 22.48 -8.34
CA ASN B 834 22.01 22.84 -7.56
C ASN B 834 22.89 21.64 -7.30
N ALA B 843 18.83 39.40 9.53
CA ALA B 843 18.39 40.41 10.49
C ALA B 843 16.96 40.16 10.92
N VAL B 844 16.78 39.27 11.88
CA VAL B 844 15.43 38.92 12.35
C VAL B 844 14.85 40.12 13.11
N PRO B 845 13.65 40.61 12.77
CA PRO B 845 13.03 41.64 13.62
C PRO B 845 12.77 41.13 15.02
N GLU B 846 12.92 42.03 15.99
CA GLU B 846 12.73 41.66 17.39
C GLU B 846 11.25 41.45 17.69
N LYS B 847 10.98 40.55 18.63
CA LYS B 847 9.62 40.23 19.01
C LYS B 847 8.98 41.44 19.70
N PRO B 848 7.65 41.53 19.71
CA PRO B 848 6.99 42.65 20.38
C PRO B 848 6.88 42.43 21.88
N LYS B 849 6.53 43.49 22.59
CA LYS B 849 6.41 43.50 24.04
C LYS B 849 4.97 43.21 24.46
N THR B 850 4.83 42.59 25.62
CA THR B 850 3.51 42.27 26.15
C THR B 850 2.81 43.54 26.67
N ASP B 851 1.50 43.41 26.89
CA ASP B 851 0.70 44.49 27.45
C ASP B 851 -0.29 44.04 28.51
N ALA B 852 -0.38 42.74 28.80
CA ALA B 852 -1.33 42.26 29.79
C ALA B 852 -0.84 42.59 31.20
N GLU B 853 -1.76 42.48 32.16
CA GLU B 853 -1.45 42.78 33.55
C GLU B 853 -2.41 41.99 34.44
N VAL B 854 -1.84 41.26 35.40
CA VAL B 854 -2.61 40.50 36.38
C VAL B 854 -2.03 40.77 37.76
N ARG B 855 -2.86 40.56 38.78
CA ARG B 855 -2.51 40.83 40.17
C ARG B 855 -2.54 39.51 40.93
N ILE B 856 -1.36 39.07 41.37
CA ILE B 856 -1.20 37.81 42.10
C ILE B 856 -1.02 38.13 43.58
N GLU B 857 -1.90 37.57 44.41
CA GLU B 857 -1.82 37.80 45.84
C GLU B 857 -0.75 36.91 46.46
N ALA B 858 -0.32 37.28 47.66
CA ALA B 858 0.72 36.56 48.38
C ALA B 858 0.19 35.47 49.30
N GLU B 859 -1.13 35.35 49.45
CA GLU B 859 -1.72 34.35 50.33
C GLU B 859 -2.84 33.55 49.66
N LYS B 860 -3.50 34.14 48.66
CA LYS B 860 -4.63 33.49 48.03
C LYS B 860 -4.18 32.27 47.25
N VAL B 861 -4.99 31.21 47.32
CA VAL B 861 -4.74 29.96 46.61
C VAL B 861 -5.53 29.98 45.31
N TYR B 862 -4.85 29.74 44.19
CA TYR B 862 -5.44 29.84 42.86
C TYR B 862 -5.74 28.46 42.31
N TYR B 863 -6.88 28.33 41.63
CA TYR B 863 -7.25 27.06 41.04
C TYR B 863 -6.31 26.75 39.87
N PRO B 864 -6.02 25.46 39.60
CA PRO B 864 -5.05 25.15 38.53
C PRO B 864 -5.51 25.54 37.13
N HIS B 865 -6.73 25.15 36.77
CA HIS B 865 -7.25 25.33 35.41
C HIS B 865 -8.44 26.28 35.42
N TYR B 866 -8.58 27.03 34.33
CA TYR B 866 -9.69 27.95 34.13
C TYR B 866 -10.22 27.79 32.72
N PHE B 867 -11.39 28.36 32.47
CA PHE B 867 -12.12 28.20 31.21
C PHE B 867 -12.18 29.53 30.47
N VAL B 868 -12.07 29.46 29.15
CA VAL B 868 -12.16 30.61 28.26
C VAL B 868 -13.33 30.39 27.31
N GLU B 869 -14.22 31.39 27.22
CA GLU B 869 -15.48 31.28 26.49
C GLU B 869 -15.32 31.81 25.07
N PRO B 870 -15.69 31.05 24.01
CA PRO B 870 -15.53 31.57 22.65
C PRO B 870 -16.70 32.46 22.22
N HIS B 871 -16.65 32.95 20.99
CA HIS B 871 -17.72 33.78 20.46
C HIS B 871 -18.92 32.93 20.05
N LYS B 872 -20.08 33.57 19.95
CA LYS B 872 -21.31 32.86 19.63
C LYS B 872 -21.23 32.19 18.26
N LYS B 873 -20.72 32.92 17.27
CA LYS B 873 -20.71 32.48 15.87
C LYS B 873 -19.28 32.33 15.38
N VAL B 874 -19.15 31.89 14.14
CA VAL B 874 -17.88 31.74 13.44
C VAL B 874 -18.04 32.28 12.03
N GLU B 875 -16.97 32.17 11.23
CA GLU B 875 -16.95 32.68 9.86
C GLU B 875 -16.72 31.55 8.87
N ARG B 876 -17.46 30.46 9.05
CA ARG B 876 -17.36 29.28 8.19
C ARG B 876 -18.01 29.53 6.84
N GLU B 877 -17.44 30.46 6.05
CA GLU B 877 -18.03 30.91 4.79
C GLU B 877 -17.17 30.61 3.58
N GLU B 878 -15.91 31.04 3.58
CA GLU B 878 -15.09 30.97 2.38
C GLU B 878 -14.79 29.52 1.99
N LYS B 879 -14.66 29.30 0.68
CA LYS B 879 -14.34 27.98 0.15
C LYS B 879 -12.83 27.75 0.25
N PRO B 880 -12.38 26.58 0.74
CA PRO B 880 -10.93 26.37 0.86
C PRO B 880 -10.26 26.25 -0.49
N CYS B 881 -8.96 26.58 -0.51
CA CYS B 881 -8.16 26.48 -1.72
C CYS B 881 -7.73 25.03 -1.94
N GLY B 882 -7.51 24.68 -3.20
CA GLY B 882 -7.11 23.35 -3.59
C GLY B 882 -5.60 23.15 -3.50
N HIS B 883 -5.14 22.11 -4.18
CA HIS B 883 -3.72 21.76 -4.25
C HIS B 883 -3.32 21.41 -5.68
N GLN B 884 -3.81 22.20 -6.64
CA GLN B 884 -3.52 21.92 -8.05
C GLN B 884 -2.22 22.57 -8.51
N LYS B 885 -1.94 23.79 -8.08
CA LYS B 885 -0.72 24.49 -8.50
C LYS B 885 -0.54 25.73 -7.65
N PHE B 886 0.69 26.25 -7.64
CA PHE B 886 1.02 27.45 -6.88
C PHE B 886 0.37 28.65 -7.55
N HIS B 887 -0.59 29.28 -6.87
CA HIS B 887 -1.33 30.39 -7.42
C HIS B 887 -0.62 31.71 -7.14
N GLU B 888 -1.07 32.75 -7.84
CA GLU B 888 -0.53 34.09 -7.62
C GLU B 888 -0.94 34.62 -6.25
N GLY B 889 -0.03 35.33 -5.60
CA GLY B 889 -0.28 35.88 -4.29
C GLY B 889 -0.11 34.91 -3.14
N ARG B 890 0.24 33.66 -3.41
CA ARG B 890 0.45 32.67 -2.38
C ARG B 890 1.91 32.64 -1.94
N LEU B 891 2.17 31.96 -0.82
CA LEU B 891 3.49 31.87 -0.22
C LEU B 891 3.81 30.42 0.09
N THR B 892 5.10 30.09 0.06
CA THR B 892 5.55 28.74 0.33
C THR B 892 7.02 28.80 0.73
N GLY B 893 7.40 27.98 1.70
CA GLY B 893 8.79 27.94 2.14
C GLY B 893 9.03 27.13 3.40
N LYS B 894 9.92 27.62 4.26
CA LYS B 894 10.27 26.93 5.50
C LYS B 894 10.55 27.97 6.58
N ILE B 895 10.42 27.54 7.83
CA ILE B 895 10.64 28.38 9.01
C ILE B 895 11.56 27.64 9.96
N ARG B 896 12.53 28.35 10.52
CA ARG B 896 13.43 27.83 11.54
C ARG B 896 13.13 28.52 12.87
N CYS B 897 13.17 27.76 13.96
CA CYS B 897 12.85 28.28 15.27
C CYS B 897 13.67 27.55 16.33
N LYS B 898 13.76 28.17 17.51
CA LYS B 898 14.48 27.62 18.64
C LYS B 898 13.57 27.56 19.85
N LEU B 899 13.62 26.45 20.58
CA LEU B 899 12.81 26.21 21.75
C LEU B 899 13.72 26.07 22.97
N ILE B 900 13.43 26.86 24.01
CA ILE B 900 14.18 26.85 25.26
C ILE B 900 13.18 26.65 26.40
N THR B 901 13.47 25.67 27.26
CA THR B 901 12.55 25.30 28.33
C THR B 901 12.81 26.14 29.57
N LYS B 902 11.73 26.60 30.20
CA LYS B 902 11.81 27.37 31.45
C LYS B 902 11.70 26.47 32.67
N THR B 903 10.61 25.73 32.79
CA THR B 903 10.36 24.78 33.85
C THR B 903 10.81 23.39 33.43
N PRO B 904 10.88 22.44 34.36
CA PRO B 904 11.26 21.07 33.97
C PRO B 904 10.27 20.48 32.98
N LEU B 905 10.80 19.71 32.03
CA LEU B 905 10.04 19.11 30.95
C LEU B 905 10.12 17.59 31.02
N ILE B 906 9.00 16.94 30.73
CA ILE B 906 8.92 15.48 30.74
C ILE B 906 8.22 15.02 29.47
N VAL B 907 8.75 13.97 28.85
CA VAL B 907 8.15 13.34 27.68
C VAL B 907 8.31 11.83 27.84
N PRO B 908 7.41 11.13 28.52
CA PRO B 908 7.68 9.72 28.85
C PRO B 908 7.70 8.83 27.63
N ASP B 909 8.50 7.76 27.72
CA ASP B 909 8.58 6.79 26.63
C ASP B 909 7.26 6.07 26.42
N THR B 910 6.65 5.60 27.50
CA THR B 910 5.45 4.77 27.44
C THR B 910 5.72 3.48 26.65
N SER B 911 6.96 2.99 26.71
CA SER B 911 7.36 1.76 26.03
C SER B 911 7.88 0.71 27.00
N ASN B 912 8.77 1.09 27.91
CA ASN B 912 9.31 0.19 28.94
C ASN B 912 8.86 0.72 30.30
N ASP B 913 8.17 -0.13 31.06
CA ASP B 913 7.58 0.26 32.32
C ASP B 913 8.48 0.00 33.54
N ASP B 914 9.65 -0.60 33.34
CA ASP B 914 10.55 -1.02 34.42
C ASP B 914 11.98 -0.60 34.12
N PHE B 915 12.16 0.67 33.72
CA PHE B 915 13.48 1.16 33.38
C PHE B 915 14.26 1.56 34.63
N PHE B 916 13.72 2.49 35.43
CA PHE B 916 14.33 2.82 36.71
C PHE B 916 14.11 1.72 37.74
N ARG B 917 13.02 0.97 37.62
CA ARG B 917 12.69 -0.09 38.56
C ARG B 917 13.22 -1.41 38.04
N PRO B 918 14.28 -2.00 38.63
CA PRO B 918 14.70 -3.30 38.10
C PRO B 918 13.78 -4.43 38.54
N TYR B 930 1.40 -2.91 40.32
CA TYR B 930 2.75 -2.60 40.76
C TYR B 930 3.17 -1.22 40.25
N HIS B 931 4.31 -0.74 40.74
CA HIS B 931 4.75 0.61 40.42
C HIS B 931 5.15 0.73 38.95
N LYS B 932 4.99 1.94 38.41
CA LYS B 932 5.30 2.25 37.02
C LYS B 932 6.47 3.22 36.97
N SER B 933 7.39 2.97 36.03
CA SER B 933 8.57 3.81 35.84
C SER B 933 8.80 4.05 34.36
N TYR B 934 9.16 5.29 34.03
CA TYR B 934 9.44 5.70 32.66
C TYR B 934 10.63 6.65 32.66
N ALA B 935 11.14 6.93 31.46
CA ALA B 935 12.27 7.81 31.26
C ALA B 935 12.00 8.75 30.09
N PHE B 936 12.90 9.68 29.85
CA PHE B 936 12.74 10.64 28.77
C PHE B 936 12.92 9.96 27.42
N PHE B 937 12.37 10.61 26.39
CA PHE B 937 12.33 10.00 25.06
C PHE B 937 13.74 9.82 24.51
N ARG B 938 13.96 8.69 23.84
CA ARG B 938 15.25 8.36 23.24
C ARG B 938 15.01 7.58 21.96
N LEU B 939 15.66 8.00 20.88
CA LEU B 939 15.56 7.34 19.58
C LEU B 939 16.82 6.55 19.25
N HIS B 940 17.98 7.20 19.26
CA HIS B 940 19.28 6.57 19.02
C HIS B 940 20.27 7.05 20.06
N LYS B 941 19.87 6.99 21.33
CA LYS B 941 20.64 7.58 22.43
C LYS B 941 20.83 9.07 22.21
N GLN B 942 19.79 9.72 21.66
CA GLN B 942 19.80 11.15 21.38
C GLN B 942 18.41 11.67 21.75
N ILE B 943 18.30 12.28 22.92
CA ILE B 943 16.99 12.68 23.44
C ILE B 943 16.40 13.80 22.58
N MET B 944 15.10 13.70 22.32
CA MET B 944 14.40 14.68 21.50
C MET B 944 12.92 14.63 21.86
N ILE B 945 12.17 15.61 21.35
CA ILE B 945 10.72 15.70 21.55
C ILE B 945 10.03 15.27 20.26
N PRO B 946 8.93 14.52 20.29
CA PRO B 946 8.21 14.24 19.05
C PRO B 946 7.49 15.48 18.53
N GLY B 947 7.22 15.48 17.22
CA GLY B 947 6.58 16.61 16.59
C GLY B 947 5.07 16.67 16.76
N SER B 948 4.43 15.52 16.97
CA SER B 948 2.98 15.50 17.11
C SER B 948 2.52 16.27 18.35
N GLU B 949 3.30 16.17 19.43
CA GLU B 949 2.94 16.88 20.65
C GLU B 949 2.99 18.40 20.43
N LEU B 950 4.03 18.87 19.73
CA LEU B 950 4.11 20.28 19.36
C LEU B 950 2.96 20.67 18.45
N ARG B 951 2.59 19.78 17.52
CA ARG B 951 1.46 20.03 16.64
C ARG B 951 0.19 20.28 17.43
N GLY B 952 -0.09 19.41 18.39
CA GLY B 952 -1.26 19.61 19.24
C GLY B 952 -1.18 20.90 20.05
N MET B 953 0.01 21.17 20.62
CA MET B 953 0.18 22.33 21.48
C MET B 953 -0.08 23.63 20.73
N VAL B 954 0.42 23.74 19.50
CA VAL B 954 0.22 24.97 18.74
C VAL B 954 -1.17 25.00 18.09
N SER B 955 -1.73 23.84 17.74
CA SER B 955 -3.05 23.82 17.15
C SER B 955 -4.10 24.30 18.14
N SER B 956 -3.94 23.93 19.42
CA SER B 956 -4.88 24.43 20.43
C SER B 956 -4.80 25.96 20.54
N VAL B 957 -3.59 26.50 20.53
CA VAL B 957 -3.42 27.96 20.65
C VAL B 957 -4.05 28.66 19.45
N TYR B 958 -3.86 28.11 18.25
CA TYR B 958 -4.48 28.72 17.07
C TYR B 958 -6.00 28.63 17.15
N GLU B 959 -6.52 27.46 17.54
CA GLU B 959 -7.97 27.27 17.58
C GLU B 959 -8.63 28.14 18.61
N THR B 960 -7.93 28.53 19.67
CA THR B 960 -8.49 29.47 20.63
C THR B 960 -8.26 30.93 20.27
N VAL B 961 -7.16 31.26 19.60
CA VAL B 961 -6.91 32.67 19.27
C VAL B 961 -7.77 33.10 18.09
N THR B 962 -8.15 32.18 17.20
CA THR B 962 -9.20 32.43 16.22
C THR B 962 -10.30 31.40 16.43
N ASN B 963 -11.53 31.87 16.55
CA ASN B 963 -12.64 30.98 16.91
C ASN B 963 -12.87 29.96 15.80
N SER B 964 -13.02 28.70 16.19
CA SER B 964 -13.17 27.62 15.22
C SER B 964 -13.82 26.43 15.91
N CYS B 965 -14.19 25.45 15.11
CA CYS B 965 -14.88 24.28 15.61
C CYS B 965 -13.98 23.45 16.51
N PHE B 966 -14.60 22.77 17.48
CA PHE B 966 -13.89 21.82 18.32
C PHE B 966 -13.49 20.63 17.45
N ARG B 967 -12.22 20.59 17.04
CA ARG B 967 -11.80 19.58 16.06
C ARG B 967 -11.91 18.18 16.63
N ILE B 968 -11.55 17.99 17.90
CA ILE B 968 -11.67 16.72 18.60
C ILE B 968 -12.63 16.93 19.75
N PHE B 969 -13.73 16.16 19.76
CA PHE B 969 -14.75 16.32 20.79
C PHE B 969 -15.61 15.07 20.84
N ASP B 970 -16.02 14.70 22.05
CA ASP B 970 -16.94 13.60 22.27
C ASP B 970 -18.33 14.16 22.58
N GLU B 971 -19.32 13.73 21.81
CA GLU B 971 -20.69 14.23 21.93
C GLU B 971 -21.68 13.13 22.32
N THR B 972 -21.19 12.02 22.90
CA THR B 972 -22.03 10.93 23.39
C THR B 972 -21.61 10.59 24.82
N LYS B 973 -22.14 11.34 25.77
CA LYS B 973 -21.86 11.11 27.19
C LYS B 973 -23.05 11.62 27.98
N ARG B 974 -23.73 10.73 28.70
CA ARG B 974 -24.86 11.10 29.55
C ARG B 974 -24.38 11.35 30.97
N LEU B 975 -24.81 12.46 31.56
CA LEU B 975 -24.33 12.91 32.86
C LEU B 975 -25.40 12.63 33.91
N SER B 976 -25.03 11.91 34.95
CA SER B 976 -25.90 11.67 36.09
C SER B 976 -25.61 12.68 37.20
N TRP B 977 -26.53 12.77 38.15
CA TRP B 977 -26.35 13.64 39.32
C TRP B 977 -27.04 12.99 40.51
N ARG B 978 -26.26 12.60 41.51
CA ARG B 978 -26.81 12.10 42.77
C ARG B 978 -27.60 13.22 43.44
N MET B 979 -28.91 13.07 43.52
CA MET B 979 -29.75 14.10 44.09
C MET B 979 -29.78 13.97 45.63
N ASP B 980 -30.26 15.03 46.27
CA ASP B 980 -30.34 15.12 47.72
C ASP B 980 -31.79 14.93 48.17
N ALA B 981 -32.02 15.09 49.47
CA ALA B 981 -33.31 14.80 50.09
C ALA B 981 -34.15 16.06 50.28
N ASP B 982 -34.08 17.01 49.35
CA ASP B 982 -34.91 18.21 49.42
C ASP B 982 -36.38 17.85 49.27
N GLN B 988 -37.98 13.25 45.28
CA GLN B 988 -38.62 14.45 45.79
C GLN B 988 -40.12 14.23 45.93
N ASP B 989 -40.77 13.88 44.81
CA ASP B 989 -42.19 13.52 44.79
C ASP B 989 -42.41 12.29 43.92
N PHE B 990 -41.50 11.32 44.01
CA PHE B 990 -41.65 10.08 43.27
C PHE B 990 -42.81 9.27 43.84
N LEU B 991 -43.53 8.56 42.95
CA LEU B 991 -44.67 7.74 43.32
C LEU B 991 -44.31 6.24 43.22
N PRO B 992 -44.83 5.38 44.09
CA PRO B 992 -44.54 3.94 43.93
C PRO B 992 -45.22 3.35 42.71
N GLY B 993 -44.67 2.24 42.25
CA GLY B 993 -45.25 1.54 41.10
C GLY B 993 -44.55 0.22 40.87
N ARG B 994 -45.09 -0.54 39.92
CA ARG B 994 -44.55 -1.83 39.52
C ARG B 994 -44.51 -1.93 38.01
N VAL B 995 -43.55 -2.68 37.50
CA VAL B 995 -43.42 -2.95 36.06
C VAL B 995 -43.35 -4.47 35.89
N THR B 996 -44.52 -5.08 35.66
CA THR B 996 -44.62 -6.51 35.40
C THR B 996 -45.47 -6.78 34.15
N ALA B 997 -46.50 -5.98 33.94
CA ALA B 997 -47.44 -6.18 32.84
C ALA B 997 -46.87 -5.57 31.57
N ASP B 998 -46.47 -6.43 30.63
CA ASP B 998 -46.03 -5.97 29.33
C ASP B 998 -47.23 -5.54 28.49
N GLY B 999 -47.10 -4.42 27.80
CA GLY B 999 -48.19 -3.85 27.03
C GLY B 999 -49.08 -2.93 27.83
N LYS B 1000 -49.48 -3.37 29.03
CA LYS B 1000 -50.25 -2.55 29.95
C LYS B 1000 -49.37 -1.62 30.78
N HIS B 1001 -48.04 -1.70 30.63
CA HIS B 1001 -47.09 -0.77 31.24
C HIS B 1001 -47.17 -0.94 32.76
N ILE B 1002 -47.23 0.14 33.54
CA ILE B 1002 -47.06 0.08 34.99
C ILE B 1002 -48.38 0.37 35.68
N GLN B 1003 -48.40 0.24 37.00
CA GLN B 1003 -49.58 0.48 37.82
C GLN B 1003 -49.17 1.17 39.10
N LYS B 1004 -50.15 1.80 39.76
CA LYS B 1004 -49.93 2.55 40.98
C LYS B 1004 -50.21 1.70 42.20
N PHE B 1005 -49.67 2.14 43.34
CA PHE B 1005 -49.95 1.61 44.66
C PHE B 1005 -50.50 2.71 45.54
N SER B 1006 -51.15 2.30 46.63
CA SER B 1006 -51.77 3.22 47.58
C SER B 1006 -51.04 3.22 48.92
N GLU B 1007 -50.85 2.06 49.52
CA GLU B 1007 -50.25 1.98 50.85
C GLU B 1007 -48.73 2.08 50.75
N THR B 1008 -48.09 2.26 51.91
CA THR B 1008 -46.64 2.34 52.00
C THR B 1008 -46.15 1.76 53.32
N GLU B 1226 -56.91 2.80 35.27
CA GLU B 1226 -56.14 3.41 36.35
C GLU B 1226 -54.67 3.02 36.26
N GLU B 1227 -54.07 3.26 35.10
CA GLU B 1227 -52.66 2.94 34.87
C GLU B 1227 -52.06 3.98 33.94
N TYR B 1228 -50.73 4.13 34.04
CA TYR B 1228 -49.97 5.10 33.26
C TYR B 1228 -49.07 4.36 32.28
N GLU B 1229 -49.02 4.85 31.05
CA GLU B 1229 -48.19 4.25 30.02
C GLU B 1229 -46.75 4.73 30.12
N ILE B 1230 -45.82 3.84 29.77
CA ILE B 1230 -44.39 4.14 29.79
C ILE B 1230 -43.95 4.43 28.36
N PRO B 1231 -43.09 5.44 28.09
CA PRO B 1231 -42.59 5.62 26.72
C PRO B 1231 -41.36 4.77 26.45
N GLU B 1232 -40.94 4.70 25.19
CA GLU B 1232 -39.76 3.91 24.83
C GLU B 1232 -38.47 4.62 25.23
N LYS B 1233 -38.46 5.95 25.22
CA LYS B 1233 -37.26 6.68 25.59
C LYS B 1233 -36.89 6.47 27.05
N ALA B 1234 -37.88 6.21 27.91
CA ALA B 1234 -37.60 5.97 29.32
C ALA B 1234 -36.78 4.70 29.52
N ARG B 1235 -36.93 3.72 28.64
CA ARG B 1235 -36.14 2.49 28.76
C ARG B 1235 -34.66 2.77 28.57
N ILE B 1236 -34.32 3.71 27.68
CA ILE B 1236 -32.91 4.00 27.40
C ILE B 1236 -32.23 4.57 28.65
N LYS B 1237 -32.92 5.45 29.37
CA LYS B 1237 -32.35 6.05 30.57
C LYS B 1237 -32.07 5.00 31.63
N TYR B 1238 -32.98 4.04 31.80
CA TYR B 1238 -32.75 2.94 32.74
C TYR B 1238 -31.56 2.09 32.31
N LYS B 1239 -31.40 1.86 31.00
CA LYS B 1239 -30.33 1.00 30.53
C LYS B 1239 -28.96 1.59 30.89
N GLU B 1240 -28.78 2.89 30.67
CA GLU B 1240 -27.50 3.52 30.99
C GLU B 1240 -27.36 3.79 32.48
N LEU B 1241 -28.46 3.86 33.23
CA LEU B 1241 -28.37 4.10 34.67
C LEU B 1241 -27.62 2.97 35.35
N LEU B 1242 -27.93 1.73 34.97
CA LEU B 1242 -27.25 0.55 35.49
C LEU B 1242 -26.06 0.18 34.61
N ARG B 1243 -25.19 1.15 34.35
CA ARG B 1243 -24.01 1.00 33.51
C ARG B 1243 -22.72 1.25 34.29
N VAL B 1244 -22.67 2.31 35.09
CA VAL B 1244 -21.63 2.50 36.10
C VAL B 1244 -22.18 2.44 37.51
N TYR B 1245 -23.47 2.11 37.67
CA TYR B 1245 -23.99 1.81 38.99
C TYR B 1245 -23.30 0.59 39.58
N ASN B 1246 -23.08 -0.43 38.74
CA ASN B 1246 -22.34 -1.63 39.14
C ASN B 1246 -20.85 -1.49 38.88
N ASN B 1247 -20.47 -0.91 37.75
CA ASN B 1247 -19.06 -0.70 37.40
C ASN B 1247 -18.56 0.66 37.88
N ASN B 1248 -18.78 0.94 39.15
CA ASN B 1248 -18.35 2.22 39.72
C ASN B 1248 -16.84 2.22 39.91
N PRO B 1249 -16.15 3.35 39.69
CA PRO B 1249 -14.70 3.38 39.99
C PRO B 1249 -14.41 3.24 41.48
N GLN B 1250 -15.10 4.04 42.30
CA GLN B 1250 -14.90 4.03 43.75
C GLN B 1250 -15.76 2.93 44.37
N ALA B 1251 -15.40 1.69 44.04
CA ALA B 1251 -16.12 0.53 44.54
C ALA B 1251 -15.31 -0.75 44.32
N ASP B 1273 -41.53 -6.37 40.31
CA ASP B 1273 -40.45 -5.41 40.35
C ASP B 1273 -40.96 -4.03 40.75
N LEU B 1274 -41.00 -3.78 42.06
CA LEU B 1274 -41.44 -2.49 42.57
C LEU B 1274 -40.45 -1.41 42.12
N VAL B 1275 -40.97 -0.29 41.62
CA VAL B 1275 -40.16 0.80 41.10
C VAL B 1275 -40.85 2.12 41.42
N TYR B 1276 -40.13 3.21 41.19
CA TYR B 1276 -40.61 4.57 41.40
C TYR B 1276 -40.50 5.34 40.08
N PHE B 1277 -41.55 6.09 39.74
CA PHE B 1277 -41.66 6.72 38.44
C PHE B 1277 -42.14 8.16 38.62
N LYS B 1278 -42.43 8.81 37.49
CA LYS B 1278 -42.95 10.16 37.44
C LYS B 1278 -44.06 10.23 36.40
N HIS B 1279 -44.80 11.34 36.42
CA HIS B 1279 -45.93 11.52 35.51
C HIS B 1279 -46.28 13.00 35.44
N ASN B 1280 -46.85 13.40 34.30
CA ASN B 1280 -47.43 14.73 34.14
C ASN B 1280 -48.94 14.66 33.93
N GLU B 1281 -49.41 14.01 32.86
CA GLU B 1281 -50.81 13.60 32.77
C GLU B 1281 -50.98 12.16 32.29
N LYS B 1282 -50.18 11.72 31.32
CA LYS B 1282 -50.13 10.31 30.93
C LYS B 1282 -48.74 9.78 30.62
N TYR B 1283 -47.74 10.65 30.42
CA TYR B 1283 -46.39 10.20 30.13
C TYR B 1283 -45.66 9.81 31.41
N VAL B 1284 -44.43 9.32 31.25
CA VAL B 1284 -43.53 9.04 32.35
C VAL B 1284 -42.21 9.74 32.06
N GLU B 1285 -41.73 10.52 33.03
CA GLU B 1285 -40.51 11.29 32.83
C GLU B 1285 -39.27 10.43 33.06
N ASP B 1286 -39.18 9.79 34.23
CA ASP B 1286 -38.03 8.97 34.57
C ASP B 1286 -38.47 7.79 35.42
N ILE B 1287 -37.65 6.75 35.39
CA ILE B 1287 -37.89 5.49 36.09
C ILE B 1287 -36.61 5.11 36.84
N VAL B 1288 -36.74 4.80 38.12
CA VAL B 1288 -35.58 4.60 39.00
C VAL B 1288 -35.83 3.40 39.90
N PRO B 1289 -34.77 2.58 40.19
CA PRO B 1289 -35.01 1.39 41.01
C PRO B 1289 -35.20 1.68 42.49
N VAL B 1290 -34.35 2.54 43.04
CA VAL B 1290 -34.26 2.77 44.48
C VAL B 1290 -34.94 4.08 44.82
N ARG B 1291 -35.30 4.25 46.09
CA ARG B 1291 -36.09 5.40 46.52
C ARG B 1291 -35.39 6.71 46.20
N ILE B 1292 -34.06 6.74 46.32
CA ILE B 1292 -33.25 7.89 45.91
C ILE B 1292 -32.03 7.40 45.16
N SER B 1293 -31.81 7.95 43.98
CA SER B 1293 -30.65 7.61 43.16
C SER B 1293 -30.35 8.81 42.25
N ARG B 1294 -29.48 8.61 41.27
CA ARG B 1294 -29.01 9.69 40.42
C ARG B 1294 -30.01 9.95 39.30
N THR B 1295 -30.43 11.21 39.16
CA THR B 1295 -31.28 11.60 38.05
C THR B 1295 -30.49 11.50 36.74
N VAL B 1296 -31.17 11.08 35.69
CA VAL B 1296 -30.57 10.88 34.37
C VAL B 1296 -30.88 12.09 33.51
N ASP B 1297 -29.88 12.54 32.75
CA ASP B 1297 -30.07 13.67 31.86
C ASP B 1297 -30.81 13.23 30.59
N ASP B 1298 -31.68 14.11 30.10
CA ASP B 1298 -32.48 13.79 28.92
C ASP B 1298 -31.68 14.00 27.64
N ARG B 1299 -31.23 15.22 27.39
CA ARG B 1299 -30.49 15.54 26.19
C ARG B 1299 -29.01 15.21 26.37
N MET B 1300 -28.38 14.81 25.27
CA MET B 1300 -26.97 14.41 25.32
C MET B 1300 -26.08 15.62 25.53
N ILE B 1301 -24.80 15.35 25.82
CA ILE B 1301 -23.85 16.42 26.09
C ILE B 1301 -23.66 17.30 24.87
N GLY B 1302 -23.69 16.69 23.67
CA GLY B 1302 -23.43 17.42 22.45
C GLY B 1302 -24.44 18.51 22.16
N LYS B 1303 -25.66 18.38 22.71
CA LYS B 1303 -26.73 19.34 22.45
C LYS B 1303 -26.72 20.51 23.44
N ARG B 1304 -25.60 20.76 24.10
CA ARG B 1304 -25.48 21.87 25.04
C ARG B 1304 -25.02 23.15 24.36
N MET B 1305 -23.85 23.11 23.73
CA MET B 1305 -23.30 24.29 23.07
C MET B 1305 -24.08 24.57 21.78
N SER B 1306 -23.82 25.75 21.22
CA SER B 1306 -24.50 26.15 19.99
C SER B 1306 -24.09 25.24 18.84
N ALA B 1307 -24.93 25.23 17.80
CA ALA B 1307 -24.65 24.40 16.63
C ALA B 1307 -23.37 24.82 15.92
N ASP B 1308 -22.99 26.10 16.05
CA ASP B 1308 -21.81 26.60 15.35
C ASP B 1308 -20.54 25.92 15.83
N LEU B 1309 -20.39 25.75 17.15
CA LEU B 1309 -19.17 25.21 17.72
C LEU B 1309 -19.07 23.69 17.58
N ARG B 1310 -20.13 23.02 17.14
CA ARG B 1310 -20.05 21.58 16.95
C ARG B 1310 -19.08 21.26 15.81
N PRO B 1311 -18.45 20.07 15.83
CA PRO B 1311 -17.36 19.82 14.89
C PRO B 1311 -17.84 19.79 13.44
N CYS B 1312 -16.95 20.23 12.55
CA CYS B 1312 -17.19 20.26 11.11
C CYS B 1312 -16.48 19.06 10.50
N HIS B 1313 -17.22 17.97 10.28
CA HIS B 1313 -16.62 16.77 9.71
C HIS B 1313 -16.37 16.88 8.21
N GLY B 1314 -17.02 17.83 7.54
CA GLY B 1314 -16.84 18.00 6.11
C GLY B 1314 -17.47 19.28 5.59
N GLY B 1340 -17.15 26.97 3.93
CA GLY B 1340 -17.54 25.59 4.13
C GLY B 1340 -16.90 24.97 5.35
N LEU B 1341 -15.59 25.14 5.47
CA LEU B 1341 -14.80 24.63 6.59
C LEU B 1341 -14.30 25.79 7.44
N CYS B 1342 -14.24 25.57 8.74
CA CYS B 1342 -13.81 26.62 9.65
C CYS B 1342 -12.33 26.95 9.42
N PRO B 1343 -11.87 28.13 9.85
CA PRO B 1343 -10.48 28.52 9.55
C PRO B 1343 -9.45 27.56 10.10
N ALA B 1344 -9.69 26.98 11.28
CA ALA B 1344 -8.74 26.02 11.83
C ALA B 1344 -8.64 24.77 10.96
N CYS B 1345 -9.78 24.26 10.48
CA CYS B 1345 -9.76 23.10 9.61
C CYS B 1345 -9.16 23.40 8.25
N ARG B 1346 -9.21 24.66 7.81
CA ARG B 1346 -8.62 25.00 6.51
C ARG B 1346 -7.11 24.79 6.51
N LEU B 1347 -6.44 25.13 7.61
CA LEU B 1347 -4.98 25.05 7.67
C LEU B 1347 -4.51 23.65 8.06
N PHE B 1348 -4.90 23.17 9.25
CA PHE B 1348 -4.42 21.88 9.72
C PHE B 1348 -5.07 20.70 9.01
N GLY B 1349 -6.18 20.92 8.32
CA GLY B 1349 -6.81 19.87 7.53
C GLY B 1349 -7.95 19.21 8.27
N THR B 1350 -8.47 18.16 7.64
CA THR B 1350 -9.64 17.44 8.10
C THR B 1350 -9.55 16.04 7.53
N GLY B 1351 -10.38 15.13 8.04
CA GLY B 1351 -10.38 13.76 7.55
C GLY B 1351 -10.61 13.65 6.06
N SER B 1352 -11.33 14.60 5.48
CA SER B 1352 -11.55 14.67 4.04
C SER B 1352 -10.57 15.62 3.33
N TYR B 1353 -10.26 16.76 3.95
CA TYR B 1353 -9.43 17.79 3.34
C TYR B 1353 -8.03 17.78 3.98
N LYS B 1354 -7.01 17.66 3.15
CA LYS B 1354 -5.64 17.61 3.63
C LYS B 1354 -5.22 18.95 4.22
N GLY B 1355 -4.28 18.91 5.16
CA GLY B 1355 -3.77 20.09 5.80
C GLY B 1355 -2.77 20.83 4.91
N ARG B 1356 -2.23 21.93 5.48
CA ARG B 1356 -1.30 22.79 4.76
C ARG B 1356 -0.14 23.25 5.63
N VAL B 1357 0.23 22.47 6.65
CA VAL B 1357 1.38 22.76 7.49
C VAL B 1357 2.02 21.45 7.91
N ARG B 1358 3.33 21.46 8.06
CA ARG B 1358 4.10 20.30 8.50
C ARG B 1358 5.08 20.73 9.59
N PHE B 1359 5.25 19.88 10.60
CA PHE B 1359 6.13 20.11 11.72
C PHE B 1359 7.21 19.03 11.73
N GLY B 1360 8.14 19.12 12.69
CA GLY B 1360 9.28 18.22 12.73
C GLY B 1360 9.77 17.99 14.13
N PHE B 1361 10.67 17.01 14.25
CA PHE B 1361 11.24 16.65 15.53
C PHE B 1361 12.23 17.71 16.01
N ALA B 1362 12.44 17.75 17.31
CA ALA B 1362 13.40 18.63 17.94
C ALA B 1362 14.72 17.92 18.13
N SER B 1363 15.76 18.70 18.45
CA SER B 1363 17.08 18.15 18.70
C SER B 1363 17.84 19.13 19.59
N LEU B 1364 18.90 18.64 20.22
CA LEU B 1364 19.67 19.43 21.16
C LEU B 1364 20.78 20.20 20.47
N GLU B 1365 21.20 21.29 21.13
CA GLU B 1365 22.34 22.08 20.70
C GLU B 1365 23.47 22.13 21.73
N ASN B 1366 23.21 21.76 22.98
CA ASN B 1366 24.21 21.72 24.03
C ASN B 1366 24.07 20.41 24.79
N ASP B 1367 25.00 20.19 25.73
CA ASP B 1367 24.97 18.98 26.52
C ASP B 1367 23.73 18.99 27.43
N PRO B 1368 23.18 17.81 27.74
CA PRO B 1368 21.93 17.78 28.51
C PRO B 1368 22.13 18.16 29.97
N GLU B 1369 21.02 18.49 30.61
CA GLU B 1369 20.97 18.77 32.04
C GLU B 1369 19.82 17.99 32.67
N TRP B 1370 19.93 17.75 33.97
CA TRP B 1370 18.94 16.98 34.71
C TRP B 1370 18.55 17.70 35.99
N LEU B 1371 17.31 17.47 36.42
CA LEU B 1371 16.82 18.11 37.63
C LEU B 1371 17.58 17.64 38.86
N ILE B 1372 17.91 16.35 38.92
CA ILE B 1372 18.61 15.75 40.06
C ILE B 1372 19.81 14.98 39.51
N PRO B 1373 20.93 14.87 40.24
CA PRO B 1373 22.03 14.04 39.73
C PRO B 1373 21.65 12.56 39.69
N GLY B 1374 22.35 11.83 38.83
CA GLY B 1374 22.10 10.42 38.67
C GLY B 1374 22.56 9.62 39.88
N LYS B 1375 22.34 8.30 39.81
CA LYS B 1375 22.71 7.42 40.91
C LYS B 1375 24.22 7.44 41.16
N ASN B 1376 25.02 7.50 40.10
CA ASN B 1376 26.47 7.63 40.21
C ASN B 1376 26.89 8.79 39.31
N PRO B 1377 27.56 9.83 39.84
CA PRO B 1377 28.14 10.85 38.94
C PRO B 1377 29.22 10.31 38.03
N GLY B 1378 28.83 9.48 37.06
CA GLY B 1378 29.74 8.90 36.10
C GLY B 1378 29.73 9.64 34.78
N ASP B 1379 28.54 9.95 34.28
CA ASP B 1379 28.37 10.62 32.99
C ASP B 1379 27.07 11.40 33.02
N PRO B 1380 26.91 12.39 32.15
CA PRO B 1380 25.66 13.16 32.11
C PRO B 1380 24.60 12.62 31.16
N PHE B 1381 24.79 11.43 30.60
CA PHE B 1381 23.85 10.88 29.62
C PHE B 1381 22.54 10.43 30.25
N HIS B 1382 22.45 10.34 31.57
CA HIS B 1382 21.26 9.86 32.26
C HIS B 1382 20.95 10.75 33.44
N GLY B 1383 19.67 10.79 33.80
CA GLY B 1383 19.17 11.58 34.90
C GLY B 1383 18.94 10.75 36.15
N GLY B 1384 17.98 11.18 36.96
CA GLY B 1384 17.63 10.48 38.18
C GLY B 1384 16.14 10.54 38.46
N PRO B 1385 15.66 9.68 39.35
CA PRO B 1385 14.22 9.58 39.56
C PRO B 1385 13.67 10.76 40.37
N VAL B 1386 12.38 11.00 40.18
CA VAL B 1386 11.63 11.97 40.99
C VAL B 1386 10.24 11.39 41.21
N MET B 1387 9.71 11.57 42.42
CA MET B 1387 8.42 11.02 42.79
C MET B 1387 7.31 11.99 42.43
N LEU B 1388 6.32 11.52 41.68
CA LEU B 1388 5.15 12.30 41.28
C LEU B 1388 3.97 12.01 42.19
N SER B 1389 2.96 12.86 42.09
CA SER B 1389 1.73 12.71 42.84
C SER B 1389 0.80 11.74 42.11
N LEU B 1390 -0.45 11.64 42.56
CA LEU B 1390 -1.43 10.75 41.98
C LEU B 1390 -2.18 11.46 40.86
N LEU B 1391 -2.09 10.94 39.64
CA LEU B 1391 -2.78 11.49 38.49
C LEU B 1391 -4.16 10.82 38.39
N GLU B 1392 -5.21 11.63 38.40
CA GLU B 1392 -6.59 11.15 38.50
C GLU B 1392 -7.43 11.69 37.36
N ARG B 1393 -8.51 10.97 37.07
CA ARG B 1393 -9.31 11.22 35.88
C ARG B 1393 -10.05 12.56 35.99
N PRO B 1394 -10.24 13.28 34.90
CA PRO B 1394 -11.17 14.42 34.94
C PRO B 1394 -12.61 13.96 34.92
N ARG B 1395 -13.51 14.87 35.29
CA ARG B 1395 -14.94 14.60 35.32
C ARG B 1395 -15.71 15.86 34.93
N PRO B 1396 -16.43 15.90 33.80
CA PRO B 1396 -17.17 17.13 33.45
C PRO B 1396 -18.33 17.44 34.39
N THR B 1397 -18.71 16.52 35.27
CA THR B 1397 -19.89 16.75 36.12
C THR B 1397 -19.71 17.96 37.04
N TRP B 1398 -18.46 18.30 37.37
CA TRP B 1398 -18.23 19.48 38.21
C TRP B 1398 -18.50 20.76 37.45
N SER B 1399 -18.20 20.77 36.15
CA SER B 1399 -18.42 21.97 35.35
C SER B 1399 -19.90 22.20 35.08
N ILE B 1400 -20.67 21.13 34.91
CA ILE B 1400 -22.10 21.20 34.63
C ILE B 1400 -22.83 20.87 35.93
N PRO B 1401 -23.43 21.85 36.62
CA PRO B 1401 -24.03 21.52 37.94
C PRO B 1401 -25.19 20.54 37.88
N GLY B 1402 -26.14 20.75 36.97
CA GLY B 1402 -27.36 19.96 36.97
C GLY B 1402 -27.97 19.71 35.61
N SER B 1403 -29.24 19.33 35.59
CA SER B 1403 -29.93 18.92 34.36
C SER B 1403 -30.64 20.06 33.65
N ASP B 1404 -30.64 21.27 34.22
CA ASP B 1404 -31.35 22.37 33.59
C ASP B 1404 -30.70 22.77 32.28
N ASN B 1405 -31.52 23.21 31.32
CA ASN B 1405 -31.02 23.56 30.01
C ASN B 1405 -30.20 24.84 30.01
N LYS B 1406 -30.35 25.70 31.02
CA LYS B 1406 -29.59 26.94 31.06
C LYS B 1406 -28.09 26.68 31.21
N PHE B 1407 -27.70 25.56 31.80
CA PHE B 1407 -26.30 25.20 31.91
C PHE B 1407 -25.80 24.65 30.59
N LYS B 1408 -24.66 25.15 30.12
CA LYS B 1408 -24.08 24.76 28.85
C LYS B 1408 -22.56 24.73 28.97
N VAL B 1409 -21.90 24.19 27.96
CA VAL B 1409 -20.45 24.06 27.98
C VAL B 1409 -19.83 25.45 27.96
N PRO B 1410 -18.91 25.81 28.89
CA PRO B 1410 -18.33 27.16 28.85
C PRO B 1410 -17.44 27.38 27.64
N GLY B 1411 -16.49 26.47 27.41
CA GLY B 1411 -15.55 26.62 26.32
C GLY B 1411 -14.35 25.70 26.41
N ARG B 1412 -13.15 26.26 26.27
CA ARG B 1412 -11.92 25.49 26.28
C ARG B 1412 -11.28 25.52 27.67
N LYS B 1413 -10.31 24.63 27.87
CA LYS B 1413 -9.64 24.42 29.15
C LYS B 1413 -8.16 24.71 29.00
N PHE B 1414 -7.60 25.48 29.94
CA PHE B 1414 -6.18 25.81 29.94
C PHE B 1414 -5.67 25.81 31.38
N TYR B 1415 -4.37 25.53 31.52
CA TYR B 1415 -3.69 25.50 32.81
C TYR B 1415 -2.79 26.72 32.93
N VAL B 1416 -2.87 27.40 34.08
CA VAL B 1416 -2.05 28.58 34.32
C VAL B 1416 -0.65 28.13 34.69
N HIS B 1417 0.30 29.07 34.67
CA HIS B 1417 1.70 28.80 35.01
C HIS B 1417 1.96 29.16 36.46
N HIS B 1418 2.66 28.26 37.16
CA HIS B 1418 3.00 28.48 38.57
C HIS B 1418 4.30 27.75 38.85
N HIS B 1419 4.78 27.87 40.09
CA HIS B 1419 6.03 27.27 40.54
C HIS B 1419 5.71 26.29 41.67
N ALA B 1420 5.55 25.01 41.32
CA ALA B 1420 5.33 23.95 42.28
C ALA B 1420 6.26 22.76 42.09
N TRP B 1421 7.15 22.80 41.10
CA TRP B 1421 8.12 21.71 40.94
C TRP B 1421 9.09 21.63 42.11
N LYS B 1422 9.29 22.73 42.85
CA LYS B 1422 10.15 22.67 44.02
C LYS B 1422 9.59 21.72 45.07
N THR B 1423 8.28 21.77 45.29
CA THR B 1423 7.67 20.88 46.28
C THR B 1423 7.74 19.43 45.83
N ILE B 1424 7.55 19.17 44.54
CA ILE B 1424 7.60 17.79 44.05
C ILE B 1424 9.03 17.26 44.07
N LYS B 1425 10.02 18.15 44.02
CA LYS B 1425 11.41 17.71 43.99
C LYS B 1425 11.77 16.97 45.27
N ASP B 1426 11.34 17.49 46.42
CA ASP B 1426 11.54 16.85 47.71
C ASP B 1426 10.26 16.15 48.16
N GLY B 1427 10.37 15.41 49.25
CA GLY B 1427 9.26 14.61 49.72
C GLY B 1427 8.19 15.41 50.44
N ASN B 1428 7.42 16.19 49.68
CA ASN B 1428 6.33 16.99 50.23
C ASN B 1428 5.17 17.00 49.26
N HIS B 1429 3.96 16.81 49.78
CA HIS B 1429 2.78 16.85 48.93
C HIS B 1429 2.55 18.29 48.46
N PRO B 1430 2.06 18.48 47.23
CA PRO B 1430 1.78 19.86 46.78
C PRO B 1430 0.72 20.58 47.60
N THR B 1431 -0.17 19.85 48.27
CA THR B 1431 -1.31 20.44 48.97
C THR B 1431 -1.21 20.29 50.49
N THR B 1432 -1.11 19.06 50.99
CA THR B 1432 -1.16 18.81 52.42
C THR B 1432 0.22 18.78 53.08
N GLY B 1433 1.31 18.86 52.31
CA GLY B 1433 2.64 18.91 52.88
C GLY B 1433 3.19 17.60 53.39
N LYS B 1434 2.51 16.48 53.14
CA LYS B 1434 2.98 15.17 53.58
C LYS B 1434 3.89 14.56 52.53
N ALA B 1435 4.53 13.46 52.90
CA ALA B 1435 5.41 12.72 51.99
C ALA B 1435 4.60 11.75 51.15
N ILE B 1436 5.03 11.56 49.91
CA ILE B 1436 4.36 10.66 48.99
C ILE B 1436 4.86 9.24 49.26
N GLU B 1437 3.93 8.34 49.57
CA GLU B 1437 4.26 6.96 49.89
C GLU B 1437 4.25 6.09 48.64
N GLN B 1438 5.02 5.00 48.69
CA GLN B 1438 5.07 4.05 47.60
C GLN B 1438 3.71 3.36 47.46
N SER B 1439 3.24 3.24 46.22
CA SER B 1439 1.97 2.59 45.94
C SER B 1439 1.94 2.18 44.48
N PRO B 1440 1.05 1.27 44.10
CA PRO B 1440 0.98 0.87 42.68
C PRO B 1440 0.57 2.00 41.74
N ASN B 1441 -0.09 3.05 42.25
CA ASN B 1441 -0.61 4.11 41.41
C ASN B 1441 0.34 5.28 41.25
N ASN B 1442 1.28 5.47 42.17
CA ASN B 1442 2.23 6.56 42.05
C ASN B 1442 3.15 6.34 40.84
N ARG B 1443 3.87 7.40 40.48
CA ARG B 1443 4.67 7.44 39.26
C ARG B 1443 6.06 7.97 39.57
N THR B 1444 7.06 7.40 38.90
CA THR B 1444 8.45 7.87 38.95
C THR B 1444 8.96 8.02 37.53
N VAL B 1445 9.52 9.18 37.21
CA VAL B 1445 9.96 9.51 35.86
C VAL B 1445 11.24 10.33 35.93
N GLU B 1446 11.85 10.53 34.76
CA GLU B 1446 13.02 11.38 34.62
C GLU B 1446 12.58 12.83 34.44
N ALA B 1447 13.56 13.74 34.44
CA ALA B 1447 13.25 15.16 34.28
C ALA B 1447 14.49 15.91 33.80
N LEU B 1448 14.28 16.87 32.91
CA LEU B 1448 15.33 17.73 32.40
C LEU B 1448 15.26 19.08 33.11
N ALA B 1449 16.40 19.56 33.60
CA ALA B 1449 16.44 20.85 34.24
C ALA B 1449 16.11 21.96 33.24
N GLY B 1450 15.42 22.99 33.73
CA GLY B 1450 15.07 24.10 32.87
C GLY B 1450 16.32 24.82 32.36
N GLY B 1451 16.32 25.13 31.07
CA GLY B 1451 17.41 25.85 30.44
C GLY B 1451 18.15 25.05 29.38
N ASN B 1452 17.44 24.17 28.68
CA ASN B 1452 17.99 23.36 27.61
C ASN B 1452 17.45 23.86 26.28
N SER B 1453 18.34 24.14 25.34
CA SER B 1453 17.94 24.66 24.04
C SER B 1453 17.49 23.54 23.11
N PHE B 1454 16.67 23.91 22.14
CA PHE B 1454 16.18 22.98 21.13
C PHE B 1454 15.99 23.73 19.83
N SER B 1455 15.90 22.97 18.73
CA SER B 1455 15.71 23.56 17.41
C SER B 1455 14.87 22.63 16.56
N PHE B 1456 13.95 23.22 15.79
CA PHE B 1456 13.08 22.45 14.91
C PHE B 1456 12.59 23.36 13.78
N GLU B 1457 12.04 22.75 12.75
CA GLU B 1457 11.62 23.43 11.54
C GLU B 1457 10.14 23.24 11.29
N ILE B 1458 9.53 24.21 10.59
CA ILE B 1458 8.14 24.16 10.17
C ILE B 1458 8.08 24.49 8.70
N ALA B 1459 7.25 23.77 7.96
CA ALA B 1459 7.00 24.02 6.55
C ALA B 1459 5.57 24.49 6.36
N PHE B 1460 5.33 25.19 5.25
CA PHE B 1460 4.00 25.69 4.93
C PHE B 1460 3.83 25.69 3.42
N GLU B 1461 2.58 25.75 2.98
CA GLU B 1461 2.25 25.64 1.57
C GLU B 1461 0.92 26.34 1.28
N ASN B 1462 0.94 27.25 0.31
CA ASN B 1462 -0.26 27.93 -0.19
C ASN B 1462 -1.00 28.63 0.95
N LEU B 1463 -0.33 29.61 1.55
CA LEU B 1463 -0.87 30.39 2.66
C LEU B 1463 -1.17 31.80 2.19
N LYS B 1464 -2.31 32.33 2.64
CA LYS B 1464 -2.65 33.72 2.35
C LYS B 1464 -1.72 34.65 3.12
N GLU B 1465 -1.78 35.94 2.77
CA GLU B 1465 -0.95 36.92 3.45
C GLU B 1465 -1.35 37.05 4.92
N TRP B 1466 -2.65 37.07 5.19
CA TRP B 1466 -3.12 37.21 6.56
C TRP B 1466 -2.99 35.91 7.35
N GLU B 1467 -3.13 34.76 6.69
CA GLU B 1467 -3.01 33.49 7.39
C GLU B 1467 -1.59 33.28 7.91
N LEU B 1468 -0.58 33.63 7.11
CA LEU B 1468 0.81 33.46 7.53
C LEU B 1468 1.12 34.31 8.75
N GLY B 1469 0.60 35.54 8.79
CA GLY B 1469 0.83 36.38 9.96
C GLY B 1469 0.24 35.80 11.22
N LEU B 1470 -0.94 35.19 11.12
CA LEU B 1470 -1.57 34.59 12.29
C LEU B 1470 -0.78 33.40 12.79
N LEU B 1471 -0.29 32.55 11.89
CA LEU B 1471 0.47 31.37 12.30
C LEU B 1471 1.75 31.76 13.02
N ILE B 1472 2.47 32.77 12.50
CA ILE B 1472 3.66 33.25 13.18
C ILE B 1472 3.31 33.85 14.53
N HIS B 1473 2.22 34.63 14.57
CA HIS B 1473 1.75 35.15 15.86
C HIS B 1473 1.30 34.02 16.77
N SER B 1474 0.60 33.03 16.22
CA SER B 1474 0.12 31.92 17.04
C SER B 1474 1.26 31.05 17.53
N LEU B 1475 2.38 31.03 16.81
CA LEU B 1475 3.52 30.21 17.22
C LEU B 1475 4.38 30.92 18.27
N GLN B 1476 4.95 32.07 17.91
CA GLN B 1476 5.87 32.76 18.81
C GLN B 1476 5.13 33.50 19.92
N LEU B 1477 3.88 33.90 19.68
CA LEU B 1477 3.16 34.81 20.56
C LEU B 1477 3.99 36.08 20.74
N GLU B 1478 4.70 36.23 21.86
CA GLU B 1478 5.55 37.38 22.13
C GLU B 1478 6.22 37.14 23.47
N LYS B 1479 7.31 37.87 23.71
CA LYS B 1479 8.10 37.65 24.91
C LYS B 1479 7.30 37.98 26.16
N GLY B 1480 7.44 37.13 27.18
CA GLY B 1480 6.66 37.21 28.40
C GLY B 1480 5.55 36.18 28.47
N LEU B 1481 5.17 35.58 27.36
CA LEU B 1481 4.16 34.53 27.30
C LEU B 1481 4.78 33.29 26.69
N ALA B 1482 4.47 32.13 27.28
CA ALA B 1482 5.04 30.86 26.85
C ALA B 1482 3.94 29.80 26.82
N HIS B 1483 4.15 28.80 25.97
CA HIS B 1483 3.21 27.69 25.85
C HIS B 1483 3.33 26.78 27.07
N LYS B 1484 2.58 25.68 27.05
CA LYS B 1484 2.70 24.62 28.03
C LYS B 1484 2.81 23.29 27.32
N LEU B 1485 3.71 22.43 27.81
CA LEU B 1485 4.09 21.22 27.09
C LEU B 1485 4.77 20.28 28.06
N GLY B 1486 4.31 19.03 28.12
CA GLY B 1486 4.93 18.02 28.96
C GLY B 1486 3.95 17.04 29.58
N MET B 1487 4.32 16.51 30.75
CA MET B 1487 3.52 15.59 31.52
C MET B 1487 3.15 16.24 32.85
N ALA B 1488 1.94 15.98 33.33
CA ALA B 1488 1.45 16.49 34.60
C ALA B 1488 1.49 18.02 34.61
N LYS B 1489 0.79 18.61 33.64
CA LYS B 1489 0.75 20.06 33.52
C LYS B 1489 0.00 20.71 34.68
N SER B 1490 -0.80 19.95 35.43
CA SER B 1490 -1.53 20.52 36.57
C SER B 1490 -0.57 21.03 37.63
N MET B 1491 0.52 20.31 37.87
CA MET B 1491 1.51 20.70 38.87
C MET B 1491 2.55 21.69 38.33
N GLY B 1492 2.38 22.16 37.09
CA GLY B 1492 3.28 23.15 36.54
C GLY B 1492 4.61 22.57 36.11
N PHE B 1493 4.57 21.57 35.22
CA PHE B 1493 5.76 20.93 34.68
C PHE B 1493 5.83 21.23 33.19
N GLY B 1494 6.82 22.00 32.78
CA GLY B 1494 7.10 22.19 31.37
C GLY B 1494 6.50 23.44 30.77
N SER B 1495 7.33 24.43 30.50
CA SER B 1495 6.95 25.63 29.76
C SER B 1495 8.01 25.90 28.70
N VAL B 1496 7.56 26.16 27.48
CA VAL B 1496 8.45 26.34 26.34
C VAL B 1496 8.05 27.62 25.60
N GLU B 1497 9.05 28.29 25.04
CA GLU B 1497 8.85 29.49 24.22
C GLU B 1497 9.53 29.29 22.89
N ILE B 1498 8.87 29.73 21.82
CA ILE B 1498 9.36 29.61 20.46
C ILE B 1498 9.90 30.96 20.03
N ASP B 1499 11.13 30.98 19.52
CA ASP B 1499 11.77 32.17 18.98
C ASP B 1499 12.15 31.91 17.53
N VAL B 1500 11.70 32.78 16.64
CA VAL B 1500 12.00 32.64 15.21
C VAL B 1500 13.41 33.12 14.96
N GLU B 1501 14.11 32.45 14.03
CA GLU B 1501 15.47 32.79 13.65
C GLU B 1501 15.67 33.00 12.17
N SER B 1502 14.76 32.51 11.32
CA SER B 1502 14.87 32.72 9.88
C SER B 1502 13.54 32.35 9.25
N VAL B 1503 13.10 33.16 8.27
CA VAL B 1503 11.90 32.91 7.49
C VAL B 1503 12.30 32.95 6.03
N ARG B 1504 12.03 31.87 5.30
CA ARG B 1504 12.41 31.71 3.90
C ARG B 1504 11.17 31.44 3.06
N LEU B 1505 11.13 32.05 1.89
CA LEU B 1505 10.10 31.82 0.88
C LEU B 1505 10.77 31.32 -0.40
N ARG B 1506 9.96 31.06 -1.42
CA ARG B 1506 10.45 30.67 -2.73
C ARG B 1506 9.68 31.40 -3.81
N LYS B 1507 10.39 31.83 -4.84
CA LYS B 1507 9.81 32.51 -5.99
C LYS B 1507 9.77 31.68 -7.25
N ASP B 1508 10.77 30.82 -7.45
CA ASP B 1508 10.83 29.96 -8.63
C ASP B 1508 11.71 28.77 -8.30
N TRP B 1509 11.71 27.79 -9.20
CA TRP B 1509 12.50 26.58 -8.99
C TRP B 1509 13.99 26.90 -8.87
N LYS B 1510 14.46 27.95 -9.54
CA LYS B 1510 15.88 28.31 -9.51
C LYS B 1510 16.21 29.27 -8.38
N GLN B 1511 15.31 30.20 -8.08
CA GLN B 1511 15.60 31.31 -7.18
C GLN B 1511 14.79 31.17 -5.89
N TRP B 1512 15.47 31.32 -4.76
CA TRP B 1512 14.86 31.44 -3.45
C TRP B 1512 15.13 32.82 -2.90
N ARG B 1513 14.37 33.20 -1.86
CA ARG B 1513 14.49 34.52 -1.26
C ARG B 1513 14.33 34.41 0.25
N ASN B 1514 15.18 35.14 0.97
CA ASN B 1514 15.10 35.23 2.43
C ASN B 1514 14.19 36.40 2.77
N GLY B 1515 12.91 36.10 2.96
CA GLY B 1515 11.93 37.12 3.32
C GLY B 1515 11.90 37.42 4.80
N ASN B 1516 13.07 37.73 5.38
CA ASN B 1516 13.16 37.97 6.80
C ASN B 1516 12.57 39.33 7.19
N SER B 1517 12.66 40.31 6.30
CA SER B 1517 12.23 41.67 6.61
C SER B 1517 10.74 41.92 6.36
N GLU B 1518 10.03 40.96 5.77
CA GLU B 1518 8.63 41.16 5.40
C GLU B 1518 7.65 40.70 6.47
N ILE B 1519 8.12 40.15 7.58
CA ILE B 1519 7.21 39.69 8.63
C ILE B 1519 6.42 40.81 9.30
N PRO B 1520 6.92 42.05 9.45
CA PRO B 1520 6.04 43.07 10.06
C PRO B 1520 4.78 43.35 9.27
N ASN B 1521 4.86 43.26 7.94
CA ASN B 1521 3.66 43.47 7.12
C ASN B 1521 2.63 42.38 7.38
N TRP B 1522 3.07 41.12 7.46
CA TRP B 1522 2.14 40.03 7.69
C TRP B 1522 1.56 40.09 9.10
N LEU B 1523 2.40 40.34 10.10
CA LEU B 1523 1.92 40.41 11.48
C LEU B 1523 0.96 41.59 11.66
N GLY B 1524 1.29 42.74 11.07
CA GLY B 1524 0.38 43.87 11.13
C GLY B 1524 -0.91 43.61 10.37
N LYS B 1525 -0.81 43.00 9.19
CA LYS B 1525 -2.00 42.73 8.39
C LYS B 1525 -2.82 41.57 8.95
N GLY B 1526 -2.25 40.77 9.84
CA GLY B 1526 -3.01 39.67 10.42
C GLY B 1526 -4.21 40.14 11.22
N PHE B 1527 -4.02 41.19 12.02
CA PHE B 1527 -5.12 41.74 12.81
C PHE B 1527 -6.11 42.51 11.95
N ALA B 1528 -5.71 42.93 10.75
CA ALA B 1528 -6.65 43.60 9.85
C ALA B 1528 -7.77 42.65 9.45
N LYS B 1529 -7.45 41.39 9.16
CA LYS B 1529 -8.48 40.41 8.85
C LYS B 1529 -9.40 40.16 10.04
N LEU B 1530 -8.86 40.25 11.27
CA LEU B 1530 -9.68 40.05 12.44
C LEU B 1530 -10.75 41.12 12.56
N LYS B 1531 -10.39 42.37 12.25
CA LYS B 1531 -11.37 43.46 12.30
C LYS B 1531 -12.48 43.25 11.27
N GLU B 1532 -12.17 42.62 10.13
CA GLU B 1532 -13.17 42.41 9.09
C GLU B 1532 -14.30 41.52 9.59
N TRP B 1533 -13.95 40.43 10.28
CA TRP B 1533 -14.97 39.49 10.76
C TRP B 1533 -15.56 39.96 12.08
N PHE B 1534 -14.72 40.14 13.09
CA PHE B 1534 -15.14 40.51 14.45
C PHE B 1534 -14.66 41.94 14.69
N ARG B 1535 -15.61 42.86 14.89
CA ARG B 1535 -15.25 44.27 15.03
C ARG B 1535 -14.82 44.60 16.45
N ASP B 1536 -15.73 44.46 17.41
CA ASP B 1536 -15.51 44.89 18.79
C ASP B 1536 -15.18 43.76 19.75
N GLU B 1537 -15.06 42.53 19.26
CA GLU B 1537 -14.78 41.39 20.14
C GLU B 1537 -13.29 41.39 20.47
N LEU B 1538 -12.98 41.69 21.74
CA LEU B 1538 -11.61 41.65 22.24
C LEU B 1538 -11.47 40.95 23.58
N ASP B 1539 -12.57 40.70 24.31
CA ASP B 1539 -12.47 40.07 25.61
C ASP B 1539 -11.91 38.65 25.50
N PHE B 1540 -12.36 37.87 24.52
CA PHE B 1540 -11.87 36.51 24.39
C PHE B 1540 -10.42 36.48 23.91
N ILE B 1541 -9.99 37.50 23.16
CA ILE B 1541 -8.58 37.61 22.82
C ILE B 1541 -7.76 37.97 24.05
N GLU B 1542 -8.25 38.94 24.84
CA GLU B 1542 -7.51 39.38 26.01
C GLU B 1542 -7.48 38.31 27.09
N ASN B 1543 -8.57 37.53 27.21
CA ASN B 1543 -8.61 36.49 28.23
C ASN B 1543 -7.55 35.43 27.99
N LEU B 1544 -7.28 35.12 26.73
CA LEU B 1544 -6.27 34.12 26.42
C LEU B 1544 -4.89 34.56 26.91
N LYS B 1545 -4.55 35.84 26.71
CA LYS B 1545 -3.25 36.34 27.16
C LYS B 1545 -3.13 36.27 28.67
N LYS B 1546 -4.24 36.41 29.39
CA LYS B 1546 -4.18 36.33 30.85
C LYS B 1546 -3.92 34.90 31.31
N LEU B 1547 -4.38 33.90 30.56
CA LEU B 1547 -4.22 32.51 30.99
C LEU B 1547 -2.77 32.06 30.84
N LEU B 1548 -2.12 32.43 29.73
CA LEU B 1548 -0.76 31.99 29.44
C LEU B 1548 0.30 32.90 30.07
N TRP B 1549 -0.09 33.91 30.83
CA TRP B 1549 0.87 34.83 31.42
C TRP B 1549 1.80 34.08 32.38
N PHE B 1550 3.11 34.28 32.20
CA PHE B 1550 4.10 33.59 33.01
C PHE B 1550 4.30 34.32 34.34
N PRO B 1551 4.59 33.61 35.42
CA PRO B 1551 4.93 34.31 36.68
C PRO B 1551 6.28 34.99 36.56
N GLU B 1552 6.28 36.31 36.70
CA GLU B 1552 7.52 37.09 36.66
C GLU B 1552 8.19 36.99 38.04
N GLY B 1553 9.18 37.84 38.27
CA GLY B 1553 9.91 37.78 39.53
C GLY B 1553 9.01 38.12 40.70
N ASP B 1554 9.31 37.49 41.85
CA ASP B 1554 8.61 37.63 43.12
C ASP B 1554 7.09 37.66 42.98
N GLN B 1555 6.55 36.80 42.12
CA GLN B 1555 5.11 36.65 41.91
C GLN B 1555 4.73 35.18 41.84
N ALA B 1556 5.36 34.35 42.67
CA ALA B 1556 5.12 32.91 42.69
C ALA B 1556 3.68 32.62 43.12
N PRO B 1557 2.81 32.11 42.25
CA PRO B 1557 1.45 31.80 42.70
C PRO B 1557 1.40 30.51 43.49
N ARG B 1558 0.33 30.37 44.27
CA ARG B 1558 0.04 29.15 45.02
C ARG B 1558 -1.08 28.41 44.29
N VAL B 1559 -0.77 27.22 43.79
CA VAL B 1559 -1.71 26.42 42.99
C VAL B 1559 -1.79 25.03 43.60
N CYS B 1560 -3.01 24.55 43.84
CA CYS B 1560 -3.21 23.23 44.42
C CYS B 1560 -4.65 22.81 44.21
N TYR B 1561 -4.89 21.50 44.27
CA TYR B 1561 -6.22 20.93 44.18
C TYR B 1561 -6.77 20.72 45.59
N PRO B 1562 -7.83 21.41 46.01
CA PRO B 1562 -8.37 21.14 47.36
C PRO B 1562 -8.99 19.75 47.46
N MET B 1563 -8.97 19.21 48.68
CA MET B 1563 -9.49 17.88 48.94
C MET B 1563 -10.96 17.97 49.35
N LEU B 1564 -11.54 16.85 49.81
CA LEU B 1564 -12.96 16.81 50.14
C LEU B 1564 -13.22 17.43 51.50
N ARG B 1565 -12.61 16.89 52.54
CA ARG B 1565 -12.96 17.23 53.91
C ARG B 1565 -12.08 18.35 54.43
N LYS B 1566 -12.71 19.33 55.09
CA LYS B 1566 -11.95 20.43 55.66
C LYS B 1566 -11.02 19.95 56.76
N LYS B 1567 -11.43 18.92 57.52
CA LYS B 1567 -10.61 18.34 58.61
C LYS B 1567 -9.25 17.93 58.03
N ASP B 1568 -9.19 17.34 56.83
CA ASP B 1568 -7.92 17.03 56.20
C ASP B 1568 -7.15 18.31 55.91
N ASP B 1569 -5.82 18.22 56.04
CA ASP B 1569 -4.94 19.38 55.86
C ASP B 1569 -5.34 20.46 56.87
N PRO B 1570 -5.04 20.27 58.16
CA PRO B 1570 -5.52 21.23 59.17
C PRO B 1570 -4.81 22.57 59.18
N ASN B 1571 -3.97 22.85 58.18
CA ASN B 1571 -3.38 24.18 58.04
C ASN B 1571 -4.44 25.26 57.84
N GLY B 1572 -5.61 24.91 57.32
CA GLY B 1572 -6.69 25.86 57.08
C GLY B 1572 -7.34 25.70 55.71
N ASN B 1573 -6.96 24.68 54.95
CA ASN B 1573 -7.52 24.48 53.63
C ASN B 1573 -8.99 24.08 53.74
N SER B 1574 -9.82 24.70 52.91
CA SER B 1574 -11.25 24.44 52.90
C SER B 1574 -11.56 23.36 51.86
N GLY B 1575 -12.14 22.26 52.31
CA GLY B 1575 -12.46 21.16 51.42
C GLY B 1575 -13.74 21.38 50.65
N TYR B 1576 -14.02 20.44 49.74
CA TYR B 1576 -15.19 20.55 48.87
C TYR B 1576 -16.50 20.32 49.60
N GLU B 1577 -16.48 19.72 50.80
CA GLU B 1577 -17.73 19.41 51.48
C GLU B 1577 -18.50 20.69 51.84
N GLU B 1578 -17.78 21.72 52.29
CA GLU B 1578 -18.38 23.00 52.64
C GLU B 1578 -18.08 24.10 51.62
N LEU B 1579 -17.52 23.75 50.47
CA LEU B 1579 -17.24 24.73 49.43
C LEU B 1579 -18.44 25.00 48.52
N LYS B 1580 -19.51 24.21 48.63
CA LYS B 1580 -20.68 24.34 47.77
C LYS B 1580 -21.66 25.42 48.24
N ASP B 1581 -21.23 26.34 49.10
CA ASP B 1581 -22.07 27.44 49.54
C ASP B 1581 -21.17 28.63 49.90
N GLY B 1582 -21.67 29.83 49.64
CA GLY B 1582 -20.91 31.04 49.89
C GLY B 1582 -19.97 31.37 48.76
N GLU B 1583 -18.87 30.63 48.64
CA GLU B 1583 -17.92 30.87 47.56
C GLU B 1583 -18.47 30.39 46.23
N PHE B 1584 -18.93 29.14 46.18
CA PHE B 1584 -19.48 28.51 44.98
C PHE B 1584 -20.93 28.13 45.24
N LYS B 1585 -21.76 28.28 44.21
CA LYS B 1585 -23.18 27.96 44.27
C LYS B 1585 -23.54 27.07 43.08
N LYS B 1586 -24.80 26.61 43.07
CA LYS B 1586 -25.27 25.80 41.94
C LYS B 1586 -25.32 26.63 40.66
N GLU B 1587 -25.67 27.90 40.77
CA GLU B 1587 -25.88 28.78 39.61
C GLU B 1587 -24.71 29.73 39.36
N ASP B 1588 -23.55 29.48 39.97
CA ASP B 1588 -22.38 30.34 39.83
C ASP B 1588 -21.12 29.63 39.38
N ARG B 1589 -21.17 28.31 39.15
CA ARG B 1589 -19.97 27.59 38.75
C ARG B 1589 -19.48 28.04 37.38
N GLN B 1590 -20.40 28.27 36.44
CA GLN B 1590 -20.00 28.63 35.08
C GLN B 1590 -19.35 30.01 35.04
N LYS B 1591 -19.96 30.99 35.69
CA LYS B 1591 -19.43 32.35 35.66
C LYS B 1591 -18.22 32.52 36.57
N LYS B 1592 -18.12 31.74 37.64
CA LYS B 1592 -16.97 31.86 38.53
C LYS B 1592 -15.69 31.43 37.83
N LEU B 1593 -15.76 30.39 36.99
CA LEU B 1593 -14.60 29.94 36.24
C LEU B 1593 -14.35 30.76 34.98
N THR B 1594 -15.25 31.69 34.63
CA THR B 1594 -15.06 32.49 33.43
C THR B 1594 -13.84 33.40 33.56
N THR B 1595 -13.81 34.14 34.65
CA THR B 1595 -12.69 35.09 34.89
C THR B 1595 -11.42 34.28 35.20
N PRO B 1596 -10.29 34.38 34.43
CA PRO B 1596 -9.06 33.71 34.86
C PRO B 1596 -8.47 34.36 36.11
N TRP B 1597 -7.66 33.56 36.82
CA TRP B 1597 -7.01 34.00 38.05
C TRP B 1597 -8.02 34.44 39.10
N THR B 1598 -9.11 33.67 39.24
CA THR B 1598 -10.12 33.92 40.26
C THR B 1598 -9.80 33.05 41.47
N PRO B 1599 -9.39 33.62 42.62
CA PRO B 1599 -9.08 32.75 43.77
C PRO B 1599 -10.34 32.17 44.38
N TRP B 1600 -10.36 30.85 44.54
CA TRP B 1600 -11.47 30.21 45.23
C TRP B 1600 -11.48 30.54 46.72
N ALA B 1601 -10.31 30.68 47.33
CA ALA B 1601 -10.22 30.98 48.75
C ALA B 1601 -10.72 32.38 49.05
ZN ZN C . 7.48 -35.25 -57.56
ZN ZN D . 7.83 -8.39 -41.21
ZN ZN E . -2.71 15.65 -21.62
ZN ZN F . -15.08 23.53 11.31
#